data_4JF0
#
_entry.id   4JF0
#
_cell.length_a   96.914
_cell.length_b   113.604
_cell.length_c   69.183
_cell.angle_alpha   90.00
_cell.angle_beta   90.00
_cell.angle_gamma   90.00
#
_symmetry.space_group_name_H-M   'P 21 21 2'
#
loop_
_entity.id
_entity.type
_entity.pdbx_description
1 polymer 'Acetylornithine/succinyldiaminopimelate aminotransferase'
2 non-polymer 1,2-ETHANEDIOL
3 non-polymer 'ACETATE ION'
4 non-polymer 'SODIUM ION'
5 water water
#
_entity_poly.entity_id   1
_entity_poly.type   'polypeptide(L)'
_entity_poly.pdbx_seq_one_letter_code
;MRGSHHHHHHGMASHMATEQTAITRATFDEVILPVYAPADFIPVKGKGSRVWDQQGKEYIDFAGGIAVTALGHCHPALVE
ALKSQGETLWHTSRVFTNEPALRLGRKLIDATFAERVLFMNSGTEANETAFKLARHYACVRHSPFKTKIIAFHNAFHGRS
LFTVSVGGQPKYSDGFGPKPADIIHVPFNDLHAVKAVMDDHTCAVVVEPIQGEGGVQAATPEFLKGLRDLCDEHQALLVF
DEVQCGMGRTGDLFAYMHYGVTPDILTSA(LLP)ALGGGFPVSAMLTTQEIASAFHVGSHGSTYGGNPLACAVAGATFDI
INTPEVLQGIHTKRQQFVQHLQAIDEQFDIFSDIRGMGLLIGAELKPKYKGRARDFLYAGAEAGVMVLNAGADVMRFAPS
LVVEEADIHEGMQRFAQAVGKVVALE
;
_entity_poly.pdbx_strand_id   A,B
#
loop_
_chem_comp.id
_chem_comp.type
_chem_comp.name
_chem_comp.formula
ACT non-polymer 'ACETATE ION' 'C2 H3 O2 -1'
EDO non-polymer 1,2-ETHANEDIOL 'C2 H6 O2'
NA non-polymer 'SODIUM ION' 'Na 1'
#
# COMPACT_ATOMS: atom_id res chain seq x y z
N ALA A 39 -13.06 14.72 -13.31
CA ALA A 39 -12.04 15.79 -13.47
C ALA A 39 -11.60 15.91 -14.93
N ASP A 40 -11.70 17.12 -15.46
CA ASP A 40 -11.35 17.40 -16.86
C ASP A 40 -10.06 18.23 -17.00
N PHE A 41 -9.35 18.41 -15.89
CA PHE A 41 -8.01 19.02 -15.92
C PHE A 41 -6.96 18.15 -15.24
N ILE A 42 -5.69 18.37 -15.63
CA ILE A 42 -4.56 17.60 -15.14
C ILE A 42 -3.61 18.52 -14.38
N PRO A 43 -3.49 18.33 -13.05
CA PRO A 43 -2.57 19.14 -12.25
C PRO A 43 -1.12 18.78 -12.60
N VAL A 44 -0.27 19.80 -12.76
CA VAL A 44 1.14 19.57 -13.10
C VAL A 44 2.09 20.11 -12.04
N LYS A 45 1.61 21.05 -11.24
CA LYS A 45 2.44 21.75 -10.27
C LYS A 45 1.58 22.24 -9.12
N GLY A 46 2.14 22.18 -7.92
CA GLY A 46 1.48 22.74 -6.75
C GLY A 46 2.49 23.40 -5.84
N LYS A 47 2.06 24.44 -5.15
CA LYS A 47 2.88 25.10 -4.15
C LYS A 47 1.97 25.68 -3.08
N GLY A 48 2.09 25.17 -1.86
CA GLY A 48 1.20 25.55 -0.77
C GLY A 48 -0.22 25.13 -1.13
N SER A 49 -1.13 26.09 -1.13
CA SER A 49 -2.53 25.80 -1.45
C SER A 49 -2.93 26.22 -2.87
N ARG A 50 -1.94 26.40 -3.74
CA ARG A 50 -2.22 26.71 -5.14
C ARG A 50 -1.71 25.62 -6.09
N VAL A 51 -2.52 25.34 -7.11
CA VAL A 51 -2.21 24.27 -8.06
C VAL A 51 -2.41 24.78 -9.50
N TRP A 52 -1.50 24.40 -10.39
CA TRP A 52 -1.60 24.75 -11.81
C TRP A 52 -1.84 23.54 -12.65
N ASP A 53 -2.75 23.65 -13.62
CA ASP A 53 -2.97 22.56 -14.57
C ASP A 53 -2.04 22.69 -15.78
N GLN A 54 -2.23 21.81 -16.77
CA GLN A 54 -1.41 21.81 -17.98
C GLN A 54 -1.49 23.12 -18.79
N GLN A 55 -2.61 23.83 -18.67
CA GLN A 55 -2.82 25.08 -19.40
CA GLN A 55 -2.79 25.08 -19.41
C GLN A 55 -2.31 26.29 -18.61
N GLY A 56 -1.78 26.03 -17.42
CA GLY A 56 -1.26 27.07 -16.55
C GLY A 56 -2.33 27.82 -15.77
N LYS A 57 -3.55 27.28 -15.76
CA LYS A 57 -4.63 27.83 -14.96
C LYS A 57 -4.36 27.59 -13.46
N GLU A 58 -4.56 28.62 -12.64
CA GLU A 58 -4.23 28.59 -11.22
C GLU A 58 -5.46 28.32 -10.35
N TYR A 59 -5.36 27.33 -9.47
CA TYR A 59 -6.47 26.92 -8.60
C TYR A 59 -6.11 27.10 -7.13
N ILE A 60 -7.13 27.39 -6.33
CA ILE A 60 -7.00 27.31 -4.87
C ILE A 60 -7.40 25.89 -4.46
N ASP A 61 -6.53 25.24 -3.68
CA ASP A 61 -6.77 23.85 -3.27
C ASP A 61 -7.37 23.77 -1.87
N PHE A 62 -8.69 23.53 -1.81
CA PHE A 62 -9.38 23.31 -0.53
C PHE A 62 -9.70 21.82 -0.34
N ALA A 63 -9.18 20.98 -1.23
CA ALA A 63 -9.49 19.55 -1.21
C ALA A 63 -8.33 18.72 -0.64
N GLY A 64 -7.10 19.19 -0.87
CA GLY A 64 -5.89 18.53 -0.39
C GLY A 64 -5.67 17.11 -0.86
N GLY A 65 -6.15 16.78 -2.06
CA GLY A 65 -6.08 15.43 -2.58
C GLY A 65 -6.87 14.47 -1.70
N ILE A 66 -7.96 14.98 -1.13
CA ILE A 66 -8.81 14.31 -0.14
C ILE A 66 -8.11 14.19 1.22
N ALA A 67 -7.82 15.36 1.80
CA ALA A 67 -7.24 15.49 3.14
C ALA A 67 -5.85 14.84 3.30
N VAL A 68 -5.09 14.81 2.22
CA VAL A 68 -3.75 14.21 2.21
C VAL A 68 -2.65 15.26 2.37
N THR A 69 -2.68 16.30 1.53
CA THR A 69 -1.64 17.33 1.58
C THR A 69 -1.93 18.34 2.70
N ALA A 70 -1.71 17.87 3.93
CA ALA A 70 -2.03 18.59 5.15
C ALA A 70 -1.11 19.78 5.37
N LEU A 71 0.00 19.80 4.65
CA LEU A 71 0.96 20.89 4.76
C LEU A 71 1.15 21.56 3.42
N GLY A 72 0.20 21.35 2.52
CA GLY A 72 0.25 21.95 1.19
C GLY A 72 1.22 21.25 0.27
N HIS A 73 1.30 21.73 -0.96
CA HIS A 73 2.14 21.14 -1.99
C HIS A 73 3.56 21.62 -1.92
N CYS A 74 4.49 20.67 -1.97
CA CYS A 74 5.92 20.95 -1.98
C CYS A 74 6.39 21.85 -0.82
N HIS A 75 5.99 21.50 0.40
CA HIS A 75 6.45 22.21 1.58
C HIS A 75 7.94 22.04 1.68
N PRO A 76 8.68 23.16 1.83
CA PRO A 76 10.15 23.13 1.83
C PRO A 76 10.77 22.21 2.87
N ALA A 77 10.14 22.07 4.04
CA ALA A 77 10.65 21.14 5.06
C ALA A 77 10.45 19.68 4.62
N LEU A 78 9.36 19.43 3.89
CA LEU A 78 9.08 18.08 3.38
C LEU A 78 9.95 17.74 2.17
N VAL A 79 10.13 18.72 1.29
CA VAL A 79 11.05 18.60 0.15
C VAL A 79 12.48 18.33 0.65
N GLU A 80 12.91 19.10 1.66
CA GLU A 80 14.25 18.92 2.25
C GLU A 80 14.44 17.51 2.82
N ALA A 81 13.46 17.04 3.58
CA ALA A 81 13.48 15.67 4.14
C ALA A 81 13.56 14.62 3.03
N LEU A 82 12.73 14.77 2.01
CA LEU A 82 12.74 13.89 0.84
C LEU A 82 14.11 13.87 0.17
N LYS A 83 14.69 15.04 -0.04
CA LYS A 83 15.96 15.17 -0.72
C LYS A 83 17.11 14.59 0.09
N SER A 84 17.09 14.87 1.39
CA SER A 84 18.15 14.42 2.29
C SER A 84 18.15 12.89 2.45
N GLN A 85 17.00 12.31 2.78
CA GLN A 85 16.90 10.85 2.88
C GLN A 85 17.07 10.17 1.52
N GLY A 86 16.58 10.82 0.46
CA GLY A 86 16.73 10.32 -0.91
C GLY A 86 18.17 10.14 -1.34
N GLU A 87 19.08 10.88 -0.69
CA GLU A 87 20.52 10.77 -0.91
C GLU A 87 21.18 9.69 -0.04
N THR A 88 20.45 9.18 0.95
CA THR A 88 21.03 8.31 1.97
C THR A 88 20.62 6.83 1.83
N LEU A 89 19.32 6.58 1.86
CA LEU A 89 18.76 5.23 1.82
C LEU A 89 17.25 5.35 1.66
N TRP A 90 16.69 4.61 0.70
CA TRP A 90 15.24 4.67 0.42
C TRP A 90 14.48 3.55 1.05
N HIS A 91 15.08 2.36 1.01
CA HIS A 91 14.34 1.13 1.23
C HIS A 91 15.07 0.14 2.11
N THR A 92 14.31 -0.46 3.02
CA THR A 92 14.70 -1.67 3.74
C THR A 92 13.49 -2.61 3.73
N SER A 93 13.74 -3.91 3.67
CA SER A 93 12.66 -4.88 3.84
C SER A 93 12.23 -4.93 5.31
N ARG A 94 11.18 -5.69 5.59
CA ARG A 94 10.63 -5.76 6.95
C ARG A 94 11.52 -6.52 7.93
N VAL A 95 12.57 -7.16 7.40
CA VAL A 95 13.60 -7.82 8.22
C VAL A 95 14.36 -6.80 9.06
N PHE A 96 14.45 -5.57 8.55
CA PHE A 96 15.23 -4.51 9.20
C PHE A 96 14.37 -3.37 9.68
N THR A 97 14.89 -2.62 10.64
CA THR A 97 14.36 -1.31 10.90
C THR A 97 15.32 -0.29 10.25
N ASN A 98 15.06 0.99 10.49
CA ASN A 98 15.89 2.05 9.96
C ASN A 98 15.67 3.27 10.83
N GLU A 99 16.59 4.22 10.75
CA GLU A 99 16.59 5.35 11.68
C GLU A 99 15.36 6.23 11.55
N PRO A 100 14.90 6.51 10.31
CA PRO A 100 13.66 7.27 10.18
C PRO A 100 12.44 6.56 10.78
N ALA A 101 12.34 5.24 10.59
CA ALA A 101 11.22 4.46 11.16
C ALA A 101 11.24 4.50 12.69
N LEU A 102 12.42 4.33 13.27
CA LEU A 102 12.58 4.37 14.72
C LEU A 102 12.21 5.75 15.26
N ARG A 103 12.71 6.80 14.60
CA ARG A 103 12.41 8.18 15.01
C ARG A 103 10.93 8.48 14.96
N LEU A 104 10.29 8.15 13.83
CA LEU A 104 8.85 8.34 13.67
C LEU A 104 8.06 7.53 14.69
N GLY A 105 8.48 6.29 14.91
CA GLY A 105 7.87 5.45 15.96
C GLY A 105 7.91 6.12 17.33
N ARG A 106 9.09 6.57 17.72
CA ARG A 106 9.29 7.25 19.01
C ARG A 106 8.35 8.45 19.14
N LYS A 107 8.27 9.24 18.07
CA LYS A 107 7.40 10.43 18.06
C LYS A 107 5.94 10.08 18.25
N LEU A 108 5.45 9.08 17.53
CA LEU A 108 4.06 8.63 17.69
C LEU A 108 3.82 8.01 19.06
N ILE A 109 4.77 7.21 19.53
CA ILE A 109 4.67 6.59 20.86
C ILE A 109 4.60 7.66 21.96
N ASP A 110 5.52 8.61 21.95
CA ASP A 110 5.54 9.71 22.92
C ASP A 110 4.29 10.57 22.93
N ALA A 111 3.69 10.78 21.76
CA ALA A 111 2.57 11.72 21.64
C ALA A 111 1.19 11.09 21.80
N THR A 112 1.12 9.76 21.84
CA THR A 112 -0.19 9.09 21.87
C THR A 112 -0.24 7.97 22.91
N PHE A 113 -1.40 7.31 22.99
CA PHE A 113 -1.59 6.10 23.81
C PHE A 113 -0.70 4.93 23.36
N ALA A 114 -0.23 4.96 22.11
CA ALA A 114 0.48 3.82 21.53
C ALA A 114 1.77 3.46 22.25
N GLU A 115 2.07 2.15 22.29
CA GLU A 115 3.34 1.64 22.77
C GLU A 115 4.08 0.93 21.63
N ARG A 116 3.33 0.58 20.59
CA ARG A 116 3.88 -0.10 19.42
C ARG A 116 3.34 0.52 18.14
N VAL A 117 4.18 0.61 17.11
CA VAL A 117 3.77 1.16 15.83
C VAL A 117 4.19 0.25 14.68
N LEU A 118 3.23 -0.10 13.84
CA LEU A 118 3.50 -0.83 12.63
C LEU A 118 3.26 0.08 11.42
N PHE A 119 4.26 0.18 10.55
CA PHE A 119 4.17 1.04 9.37
C PHE A 119 3.86 0.28 8.09
N MET A 120 2.99 0.84 7.27
CA MET A 120 2.72 0.31 5.93
C MET A 120 2.81 1.44 4.89
N ASN A 121 2.22 1.23 3.71
CA ASN A 121 2.23 2.25 2.64
C ASN A 121 0.97 3.07 2.57
N SER A 122 -0.17 2.47 2.89
CA SER A 122 -1.46 3.14 2.75
C SER A 122 -2.38 2.88 3.94
N GLY A 123 -3.42 3.70 4.04
CA GLY A 123 -4.44 3.56 5.08
C GLY A 123 -5.19 2.25 4.96
N THR A 124 -5.44 1.81 3.73
CA THR A 124 -6.07 0.51 3.47
C THR A 124 -5.24 -0.62 4.08
N GLU A 125 -3.93 -0.59 3.86
CA GLU A 125 -3.00 -1.57 4.41
C GLU A 125 -2.93 -1.55 5.94
N ALA A 126 -2.90 -0.35 6.51
CA ALA A 126 -2.90 -0.18 7.97
C ALA A 126 -4.20 -0.73 8.56
N ASN A 127 -5.32 -0.46 7.89
CA ASN A 127 -6.62 -1.02 8.27
C ASN A 127 -6.66 -2.55 8.19
N GLU A 128 -6.10 -3.12 7.12
CA GLU A 128 -5.96 -4.58 7.01
C GLU A 128 -5.22 -5.14 8.23
N THR A 129 -4.12 -4.48 8.60
CA THR A 129 -3.30 -4.90 9.71
C THR A 129 -4.06 -4.81 11.04
N ALA A 130 -4.76 -3.69 11.24
CA ALA A 130 -5.55 -3.47 12.46
C ALA A 130 -6.64 -4.54 12.60
N PHE A 131 -7.35 -4.81 11.51
CA PHE A 131 -8.48 -5.75 11.55
C PHE A 131 -8.00 -7.19 11.75
N LYS A 132 -6.93 -7.57 11.05
CA LYS A 132 -6.28 -8.86 11.23
C LYS A 132 -5.78 -9.02 12.67
N LEU A 133 -5.17 -7.96 13.20
CA LEU A 133 -4.64 -8.02 14.57
C LEU A 133 -5.76 -8.17 15.58
N ALA A 134 -6.84 -7.42 15.40
CA ALA A 134 -8.01 -7.54 16.28
C ALA A 134 -8.56 -8.97 16.25
N ARG A 135 -8.71 -9.53 15.04
CA ARG A 135 -9.14 -10.92 14.86
C ARG A 135 -8.19 -11.93 15.51
N HIS A 136 -6.90 -11.77 15.28
CA HIS A 136 -5.90 -12.71 15.78
C HIS A 136 -5.72 -12.63 17.27
N TYR A 137 -5.75 -11.41 17.81
CA TYR A 137 -5.72 -11.20 19.27
C TYR A 137 -6.87 -11.97 19.93
N ALA A 138 -8.08 -11.79 19.39
CA ALA A 138 -9.27 -12.48 19.90
C ALA A 138 -9.11 -13.99 19.79
N CYS A 139 -8.56 -14.46 18.68
CA CYS A 139 -8.37 -15.88 18.45
C CYS A 139 -7.45 -16.52 19.49
N VAL A 140 -6.27 -15.94 19.68
CA VAL A 140 -5.25 -16.57 20.54
C VAL A 140 -5.38 -16.18 22.02
N ARG A 141 -6.08 -15.08 22.31
CA ARG A 141 -6.23 -14.65 23.70
C ARG A 141 -7.58 -15.02 24.34
N HIS A 142 -8.58 -15.29 23.51
CA HIS A 142 -9.91 -15.54 24.04
C HIS A 142 -10.53 -16.78 23.49
N SER A 143 -10.83 -16.78 22.20
CA SER A 143 -11.47 -17.93 21.54
C SER A 143 -11.38 -17.83 20.03
N PRO A 144 -11.15 -18.96 19.36
CA PRO A 144 -11.20 -18.96 17.89
C PRO A 144 -12.59 -18.62 17.33
N PHE A 145 -13.64 -18.71 18.15
CA PHE A 145 -15.00 -18.37 17.71
C PHE A 145 -15.35 -16.89 17.92
N LYS A 146 -14.44 -16.13 18.52
CA LYS A 146 -14.65 -14.71 18.79
C LYS A 146 -14.25 -13.89 17.57
N THR A 147 -15.15 -13.78 16.60
CA THR A 147 -14.79 -13.25 15.29
C THR A 147 -15.63 -12.08 14.78
N LYS A 148 -16.73 -11.75 15.49
CA LYS A 148 -17.62 -10.69 15.00
C LYS A 148 -16.96 -9.31 15.01
N ILE A 149 -17.01 -8.63 13.87
CA ILE A 149 -16.58 -7.24 13.76
C ILE A 149 -17.83 -6.38 13.57
N ILE A 150 -17.96 -5.37 14.44
CA ILE A 150 -19.04 -4.39 14.34
CA ILE A 150 -19.03 -4.40 14.33
C ILE A 150 -18.50 -3.15 13.63
N ALA A 151 -19.21 -2.71 12.60
CA ALA A 151 -18.86 -1.50 11.87
C ALA A 151 -20.13 -0.70 11.58
N PHE A 152 -20.01 0.39 10.84
CA PHE A 152 -21.13 1.32 10.69
C PHE A 152 -21.49 1.65 9.25
N HIS A 153 -22.79 1.88 9.02
CA HIS A 153 -23.26 2.31 7.70
C HIS A 153 -22.54 3.57 7.29
N ASN A 154 -22.22 3.68 6.00
CA ASN A 154 -21.51 4.83 5.43
C ASN A 154 -20.03 4.95 5.79
N ALA A 155 -19.51 3.98 6.53
CA ALA A 155 -18.08 3.96 6.85
C ALA A 155 -17.25 3.70 5.59
N PHE A 156 -16.07 4.30 5.54
CA PHE A 156 -15.08 3.95 4.54
C PHE A 156 -13.79 3.54 5.24
N HIS A 157 -13.26 2.38 4.87
CA HIS A 157 -12.03 1.87 5.47
C HIS A 157 -11.02 1.41 4.45
N GLY A 158 -11.34 1.61 3.17
CA GLY A 158 -10.45 1.17 2.06
C GLY A 158 -11.20 0.34 1.02
N ARG A 159 -10.48 -0.08 -0.02
CA ARG A 159 -11.08 -0.83 -1.13
C ARG A 159 -10.53 -2.25 -1.33
N SER A 160 -9.67 -2.72 -0.42
CA SER A 160 -9.32 -4.14 -0.40
C SER A 160 -10.58 -4.92 -0.03
N LEU A 161 -10.64 -6.20 -0.39
CA LEU A 161 -11.87 -6.99 -0.13
C LEU A 161 -12.29 -6.96 1.33
N PHE A 162 -11.33 -7.14 2.24
CA PHE A 162 -11.61 -7.14 3.67
C PHE A 162 -12.04 -5.76 4.14
N THR A 163 -11.29 -4.71 3.75
CA THR A 163 -11.59 -3.36 4.24
C THR A 163 -12.88 -2.80 3.69
N VAL A 164 -13.18 -3.11 2.43
CA VAL A 164 -14.44 -2.67 1.81
C VAL A 164 -15.64 -3.43 2.39
N SER A 165 -15.40 -4.66 2.86
CA SER A 165 -16.44 -5.44 3.54
C SER A 165 -16.74 -4.88 4.92
N VAL A 166 -15.71 -4.38 5.61
CA VAL A 166 -15.88 -3.68 6.89
C VAL A 166 -16.48 -2.30 6.62
N GLY A 167 -16.06 -1.68 5.53
CA GLY A 167 -16.70 -0.46 5.04
C GLY A 167 -18.21 -0.62 4.96
N GLY A 168 -18.94 0.48 5.13
CA GLY A 168 -20.40 0.43 5.25
C GLY A 168 -21.16 0.90 4.03
N GLN A 169 -20.63 0.61 2.84
CA GLN A 169 -21.30 0.94 1.58
C GLN A 169 -21.43 -0.35 0.76
N PRO A 170 -22.57 -1.05 0.90
CA PRO A 170 -22.77 -2.37 0.30
C PRO A 170 -22.53 -2.39 -1.22
N LYS A 171 -22.95 -1.32 -1.90
CA LYS A 171 -22.72 -1.16 -3.33
C LYS A 171 -21.27 -1.38 -3.75
N TYR A 172 -20.33 -0.99 -2.89
CA TYR A 172 -18.90 -1.07 -3.21
C TYR A 172 -18.24 -2.39 -2.82
N SER A 173 -18.95 -3.19 -2.03
CA SER A 173 -18.45 -4.51 -1.65
C SER A 173 -19.18 -5.65 -2.38
N ASP A 174 -20.31 -5.32 -3.01
CA ASP A 174 -21.04 -6.28 -3.87
C ASP A 174 -20.23 -6.60 -5.12
N GLY A 175 -20.40 -7.80 -5.65
CA GLY A 175 -19.90 -8.13 -6.99
C GLY A 175 -18.48 -8.64 -7.07
N PHE A 176 -17.87 -8.94 -5.92
CA PHE A 176 -16.50 -9.43 -5.89
C PHE A 176 -16.38 -10.85 -5.36
N GLY A 177 -17.48 -11.59 -5.37
CA GLY A 177 -17.50 -12.95 -4.84
C GLY A 177 -17.66 -12.93 -3.34
N PRO A 178 -17.50 -14.10 -2.69
CA PRO A 178 -17.75 -14.23 -1.25
C PRO A 178 -16.88 -13.29 -0.43
N LYS A 179 -17.53 -12.39 0.31
CA LYS A 179 -16.84 -11.46 1.20
C LYS A 179 -16.41 -12.21 2.47
N PRO A 180 -15.32 -11.76 3.11
CA PRO A 180 -15.00 -12.37 4.41
C PRO A 180 -16.19 -12.16 5.37
N ALA A 181 -16.54 -13.22 6.11
CA ALA A 181 -17.78 -13.23 6.92
C ALA A 181 -17.61 -12.63 8.32
N ASP A 182 -18.72 -12.59 9.07
CA ASP A 182 -18.75 -12.14 10.47
C ASP A 182 -18.49 -10.63 10.63
N ILE A 183 -19.08 -9.85 9.73
CA ILE A 183 -19.06 -8.40 9.81
C ILE A 183 -20.51 -7.93 9.85
N ILE A 184 -20.85 -7.17 10.88
CA ILE A 184 -22.19 -6.64 11.09
C ILE A 184 -22.15 -5.12 11.03
N HIS A 185 -23.06 -4.52 10.25
CA HIS A 185 -23.16 -3.06 10.18
C HIS A 185 -24.41 -2.57 10.85
N VAL A 186 -24.29 -1.46 11.57
CA VAL A 186 -25.42 -0.77 12.20
C VAL A 186 -25.27 0.72 11.91
N PRO A 187 -26.31 1.54 12.19
CA PRO A 187 -26.16 2.98 11.91
C PRO A 187 -25.09 3.67 12.77
N PHE A 188 -24.35 4.59 12.16
CA PHE A 188 -23.38 5.42 12.88
C PHE A 188 -24.13 6.20 13.96
N ASN A 189 -23.50 6.38 15.12
CA ASN A 189 -24.12 7.07 16.27
C ASN A 189 -25.34 6.39 16.91
N ASP A 190 -25.60 5.12 16.57
CA ASP A 190 -26.72 4.37 17.16
C ASP A 190 -26.21 3.36 18.20
N LEU A 191 -26.03 3.84 19.43
CA LEU A 191 -25.48 3.04 20.49
C LEU A 191 -26.38 1.85 20.87
N HIS A 192 -27.69 2.07 20.87
CA HIS A 192 -28.64 0.98 21.10
C HIS A 192 -28.39 -0.16 20.15
N ALA A 193 -28.19 0.17 18.88
CA ALA A 193 -27.98 -0.86 17.86
C ALA A 193 -26.69 -1.64 18.10
N VAL A 194 -25.64 -0.95 18.51
CA VAL A 194 -24.38 -1.61 18.88
C VAL A 194 -24.61 -2.58 20.04
N LYS A 195 -25.31 -2.11 21.09
CA LYS A 195 -25.63 -2.93 22.26
C LYS A 195 -26.35 -4.22 21.86
N ALA A 196 -27.28 -4.09 20.92
CA ALA A 196 -28.10 -5.20 20.44
C ALA A 196 -27.31 -6.32 19.75
N VAL A 197 -26.29 -5.96 18.98
CA VAL A 197 -25.55 -6.97 18.21
C VAL A 197 -24.27 -7.45 18.89
N MET A 198 -23.82 -6.69 19.88
CA MET A 198 -22.56 -7.00 20.57
C MET A 198 -22.73 -8.08 21.64
N ASP A 199 -21.84 -9.07 21.59
CA ASP A 199 -21.81 -10.15 22.59
C ASP A 199 -20.36 -10.59 22.86
N ASP A 200 -20.20 -11.72 23.54
CA ASP A 200 -18.87 -12.24 23.84
C ASP A 200 -18.16 -12.84 22.61
N HIS A 201 -18.91 -13.00 21.52
CA HIS A 201 -18.32 -13.42 20.23
C HIS A 201 -17.80 -12.28 19.39
N THR A 202 -17.91 -11.06 19.92
CA THR A 202 -17.41 -9.86 19.23
C THR A 202 -15.91 -9.65 19.48
N CYS A 203 -15.13 -9.54 18.40
CA CYS A 203 -13.69 -9.26 18.54
C CYS A 203 -13.35 -7.79 18.40
N ALA A 204 -14.16 -7.04 17.65
CA ALA A 204 -13.82 -5.66 17.38
C ALA A 204 -15.01 -4.75 17.08
N VAL A 205 -14.87 -3.49 17.50
CA VAL A 205 -15.71 -2.42 17.00
C VAL A 205 -14.80 -1.48 16.22
N VAL A 206 -15.13 -1.27 14.95
CA VAL A 206 -14.35 -0.41 14.07
C VAL A 206 -15.16 0.83 13.74
N VAL A 207 -14.57 2.00 13.96
CA VAL A 207 -15.29 3.26 13.77
C VAL A 207 -14.34 4.40 13.36
N GLU A 208 -14.83 5.26 12.47
CA GLU A 208 -14.20 6.56 12.20
C GLU A 208 -14.76 7.57 13.20
N PRO A 209 -13.90 8.22 14.01
CA PRO A 209 -14.44 9.23 14.95
C PRO A 209 -15.25 10.32 14.25
N ILE A 210 -14.84 10.70 13.05
CA ILE A 210 -15.68 11.46 12.14
C ILE A 210 -15.72 10.73 10.80
N GLN A 211 -16.92 10.40 10.33
CA GLN A 211 -17.05 9.76 9.03
C GLN A 211 -16.88 10.80 7.93
N GLY A 212 -15.70 10.77 7.30
CA GLY A 212 -15.35 11.74 6.27
C GLY A 212 -16.20 11.59 5.03
N GLU A 213 -16.17 10.40 4.44
CA GLU A 213 -16.92 10.08 3.24
C GLU A 213 -18.42 10.11 3.50
N GLY A 214 -18.83 9.60 4.67
CA GLY A 214 -20.24 9.51 5.02
C GLY A 214 -20.90 10.81 5.49
N GLY A 215 -20.74 11.87 4.69
CA GLY A 215 -21.42 13.15 4.94
C GLY A 215 -20.82 14.03 6.02
N VAL A 216 -19.55 13.77 6.36
CA VAL A 216 -18.83 14.49 7.42
C VAL A 216 -19.63 14.49 8.74
N GLN A 217 -19.93 13.28 9.22
CA GLN A 217 -20.69 13.10 10.44
C GLN A 217 -19.77 12.79 11.60
N ALA A 218 -19.82 13.61 12.63
CA ALA A 218 -18.98 13.42 13.82
C ALA A 218 -19.69 12.49 14.80
N ALA A 219 -18.92 11.63 15.48
CA ALA A 219 -19.47 10.81 16.54
C ALA A 219 -19.89 11.70 17.71
N THR A 220 -21.01 11.37 18.37
CA THR A 220 -21.35 12.04 19.63
C THR A 220 -20.41 11.53 20.72
N PRO A 221 -20.12 12.35 21.74
CA PRO A 221 -19.34 11.83 22.87
C PRO A 221 -19.96 10.60 23.53
N GLU A 222 -21.29 10.59 23.70
CA GLU A 222 -21.99 9.46 24.29
C GLU A 222 -21.74 8.17 23.49
N PHE A 223 -21.85 8.26 22.17
CA PHE A 223 -21.63 7.12 21.26
C PHE A 223 -20.23 6.53 21.44
N LEU A 224 -19.20 7.36 21.35
CA LEU A 224 -17.82 6.89 21.44
C LEU A 224 -17.47 6.31 22.81
N LYS A 225 -17.92 6.98 23.87
CA LYS A 225 -17.75 6.48 25.23
C LYS A 225 -18.51 5.16 25.39
N GLY A 226 -19.71 5.12 24.82
CA GLY A 226 -20.51 3.88 24.80
C GLY A 226 -19.78 2.72 24.15
N LEU A 227 -19.11 2.98 23.02
CA LEU A 227 -18.33 1.93 22.33
C LEU A 227 -17.17 1.45 23.18
N ARG A 228 -16.48 2.39 23.83
CA ARG A 228 -15.40 2.05 24.73
C ARG A 228 -15.90 1.14 25.86
N ASP A 229 -17.01 1.50 26.49
CA ASP A 229 -17.56 0.73 27.61
C ASP A 229 -18.01 -0.67 27.17
N LEU A 230 -18.64 -0.75 25.99
CA LEU A 230 -19.10 -2.04 25.46
C LEU A 230 -17.95 -2.97 25.09
N CYS A 231 -16.89 -2.39 24.53
CA CYS A 231 -15.69 -3.16 24.21
C CYS A 231 -15.05 -3.72 25.48
N ASP A 232 -14.96 -2.91 26.53
CA ASP A 232 -14.44 -3.34 27.83
C ASP A 232 -15.26 -4.49 28.38
N GLU A 233 -16.57 -4.37 28.29
CA GLU A 233 -17.52 -5.33 28.81
C GLU A 233 -17.44 -6.69 28.11
N HIS A 234 -17.32 -6.68 26.79
CA HIS A 234 -17.30 -7.92 26.01
C HIS A 234 -15.92 -8.34 25.60
N GLN A 235 -14.90 -7.66 26.11
CA GLN A 235 -13.49 -7.98 25.82
C GLN A 235 -13.17 -7.90 24.32
N ALA A 236 -13.73 -6.90 23.66
CA ALA A 236 -13.48 -6.61 22.25
C ALA A 236 -12.52 -5.45 22.13
N LEU A 237 -11.87 -5.31 20.97
CA LEU A 237 -10.96 -4.20 20.75
C LEU A 237 -11.66 -3.04 20.05
N LEU A 238 -11.45 -1.85 20.58
CA LEU A 238 -11.96 -0.63 19.94
C LEU A 238 -10.93 -0.11 18.95
N VAL A 239 -11.33 -0.09 17.68
CA VAL A 239 -10.45 0.29 16.58
C VAL A 239 -10.91 1.62 16.01
N PHE A 240 -10.02 2.62 16.07
CA PHE A 240 -10.32 3.93 15.50
C PHE A 240 -9.64 4.08 14.13
N ASP A 241 -10.44 4.21 13.08
CA ASP A 241 -9.89 4.56 11.78
C ASP A 241 -9.76 6.08 11.71
N GLU A 242 -8.55 6.56 11.95
CA GLU A 242 -8.27 8.00 11.90
C GLU A 242 -7.40 8.37 10.69
N VAL A 243 -7.51 7.59 9.63
CA VAL A 243 -6.79 7.87 8.39
C VAL A 243 -7.15 9.26 7.84
N GLN A 244 -8.41 9.66 7.99
CA GLN A 244 -8.85 10.96 7.47
C GLN A 244 -8.94 12.05 8.54
N CYS A 245 -9.46 11.72 9.71
CA CYS A 245 -9.65 12.70 10.79
C CYS A 245 -8.43 12.89 11.68
N GLY A 246 -7.38 12.10 11.45
CA GLY A 246 -6.18 12.15 12.27
C GLY A 246 -5.10 13.12 11.78
N MET A 247 -3.95 13.05 12.44
CA MET A 247 -2.78 13.89 12.13
C MET A 247 -3.10 15.39 12.04
N GLY A 248 -3.70 15.92 13.11
CA GLY A 248 -3.95 17.35 13.21
C GLY A 248 -5.24 17.85 12.61
N ARG A 249 -5.88 17.04 11.78
CA ARG A 249 -7.07 17.46 11.01
C ARG A 249 -8.13 18.17 11.86
N THR A 250 -8.39 17.66 13.06
CA THR A 250 -9.45 18.20 13.93
C THR A 250 -9.01 19.37 14.80
N GLY A 251 -7.71 19.65 14.85
CA GLY A 251 -7.17 20.66 15.77
C GLY A 251 -6.44 20.03 16.94
N ASP A 252 -6.70 18.74 17.18
CA ASP A 252 -5.88 17.91 18.05
C ASP A 252 -5.10 16.95 17.15
N LEU A 253 -4.01 16.36 17.65
CA LEU A 253 -3.22 15.47 16.82
C LEU A 253 -4.08 14.35 16.26
N PHE A 254 -4.83 13.68 17.13
CA PHE A 254 -5.84 12.71 16.70
C PHE A 254 -7.17 13.04 17.35
N ALA A 255 -8.26 12.70 16.65
CA ALA A 255 -9.62 12.97 17.10
C ALA A 255 -9.95 12.37 18.47
N TYR A 256 -9.34 11.23 18.80
CA TYR A 256 -9.64 10.57 20.08
C TYR A 256 -9.26 11.46 21.26
N MET A 257 -8.29 12.35 21.05
CA MET A 257 -7.85 13.32 22.06
C MET A 257 -8.91 14.40 22.31
N HIS A 258 -9.63 14.78 21.27
CA HIS A 258 -10.78 15.68 21.43
C HIS A 258 -11.84 15.04 22.27
N TYR A 259 -12.12 13.77 22.01
CA TYR A 259 -13.19 13.05 22.70
C TYR A 259 -12.79 12.59 24.08
N GLY A 260 -11.49 12.37 24.29
CA GLY A 260 -11.00 11.79 25.54
C GLY A 260 -11.40 10.32 25.66
N VAL A 261 -11.55 9.65 24.53
CA VAL A 261 -11.84 8.21 24.49
C VAL A 261 -10.66 7.52 23.83
N THR A 262 -9.97 6.67 24.59
CA THR A 262 -8.79 5.98 24.09
C THR A 262 -9.13 4.64 23.42
N PRO A 263 -8.78 4.49 22.12
CA PRO A 263 -8.98 3.21 21.44
C PRO A 263 -7.91 2.17 21.81
N ASP A 264 -8.15 0.93 21.39
CA ASP A 264 -7.17 -0.13 21.53
C ASP A 264 -6.20 -0.14 20.36
N ILE A 265 -6.74 0.15 19.18
CA ILE A 265 -5.95 0.26 17.96
C ILE A 265 -6.37 1.52 17.21
N LEU A 266 -5.40 2.24 16.65
CA LEU A 266 -5.69 3.39 15.79
C LEU A 266 -4.91 3.31 14.49
N THR A 267 -5.56 3.70 13.39
CA THR A 267 -4.87 3.78 12.10
C THR A 267 -4.75 5.22 11.58
N SER A 268 -3.66 5.46 10.87
CA SER A 268 -3.28 6.78 10.41
C SER A 268 -2.62 6.63 9.05
N ALA A 269 -2.96 7.54 8.14
CA ALA A 269 -2.28 7.65 6.86
C ALA A 269 -2.54 9.04 6.32
N1 LLP A 270 -10.07 5.08 5.83
C2 LLP A 270 -10.46 6.38 5.77
C2' LLP A 270 -11.42 6.92 6.79
C3 LLP A 270 -9.94 7.25 4.69
O3 LLP A 270 -10.32 8.54 4.61
C4 LLP A 270 -8.99 6.68 3.70
C4' LLP A 270 -8.42 7.54 2.61
C5 LLP A 270 -8.64 5.24 3.88
C6 LLP A 270 -9.21 4.54 4.94
C5' LLP A 270 -7.70 4.50 2.95
OP4 LLP A 270 -6.44 5.16 2.86
P LLP A 270 -5.49 4.96 1.57
OP1 LLP A 270 -4.15 5.46 2.05
OP2 LLP A 270 -5.56 3.49 1.27
OP3 LLP A 270 -6.13 5.84 0.54
N LLP A 270 -2.71 9.16 5.00
CA LLP A 270 -3.05 10.42 4.34
CB LLP A 270 -4.54 10.70 4.52
CG LLP A 270 -5.41 9.79 3.65
CD LLP A 270 -6.83 10.33 3.46
CE LLP A 270 -7.48 9.74 2.21
NZ LLP A 270 -8.52 8.81 2.68
C LLP A 270 -2.12 11.53 4.80
O LLP A 270 -1.00 11.65 4.32
N ALA A 271 -2.57 12.34 5.76
CA ALA A 271 -1.80 13.49 6.24
C ALA A 271 -0.46 13.10 6.87
N LEU A 272 -0.39 11.86 7.38
CA LEU A 272 0.84 11.38 8.02
C LEU A 272 2.08 11.64 7.16
N GLY A 273 1.96 11.42 5.85
CA GLY A 273 3.09 11.61 4.92
C GLY A 273 3.02 12.87 4.09
N GLY A 274 2.03 13.72 4.35
CA GLY A 274 1.82 14.98 3.63
C GLY A 274 1.77 14.89 2.11
N GLY A 275 1.51 13.70 1.58
CA GLY A 275 1.50 13.48 0.15
C GLY A 275 2.37 12.31 -0.27
N PHE A 276 3.28 11.90 0.61
CA PHE A 276 4.05 10.68 0.43
C PHE A 276 3.26 9.49 0.98
N PRO A 277 3.14 8.39 0.20
CA PRO A 277 2.38 7.23 0.69
C PRO A 277 3.05 6.53 1.89
N VAL A 278 2.42 6.64 3.06
CA VAL A 278 2.90 6.02 4.30
C VAL A 278 1.70 5.85 5.25
N SER A 279 1.74 4.83 6.09
CA SER A 279 0.68 4.63 7.06
C SER A 279 1.21 4.01 8.35
N ALA A 280 0.43 4.14 9.41
CA ALA A 280 0.81 3.58 10.70
C ALA A 280 -0.40 2.94 11.39
N MET A 281 -0.14 1.83 12.07
CA MET A 281 -1.11 1.18 12.92
C MET A 281 -0.55 1.27 14.33
N LEU A 282 -1.30 1.92 15.22
CA LEU A 282 -0.84 2.20 16.58
C LEU A 282 -1.61 1.33 17.55
N THR A 283 -0.90 0.71 18.49
CA THR A 283 -1.53 -0.11 19.52
C THR A 283 -0.61 -0.26 20.74
N THR A 284 -1.01 -1.13 21.67
CA THR A 284 -0.23 -1.36 22.89
C THR A 284 0.65 -2.60 22.72
N GLN A 285 1.62 -2.78 23.63
CA GLN A 285 2.47 -3.97 23.60
C GLN A 285 1.66 -5.24 23.84
N GLU A 286 0.68 -5.15 24.74
CA GLU A 286 -0.16 -6.31 25.07
C GLU A 286 -0.91 -6.82 23.85
N ILE A 287 -1.46 -5.90 23.05
CA ILE A 287 -2.15 -6.27 21.81
C ILE A 287 -1.17 -6.69 20.72
N ALA A 288 -0.17 -5.86 20.44
CA ALA A 288 0.84 -6.16 19.41
C ALA A 288 1.55 -7.51 19.60
N SER A 289 1.67 -7.97 20.85
CA SER A 289 2.32 -9.26 21.16
C SER A 289 1.60 -10.47 20.54
N ALA A 290 0.37 -10.28 20.08
CA ALA A 290 -0.37 -11.35 19.42
C ALA A 290 0.22 -11.72 18.05
N PHE A 291 0.97 -10.79 17.45
CA PHE A 291 1.74 -11.09 16.24
C PHE A 291 2.83 -12.13 16.49
N HIS A 292 3.04 -13.00 15.50
CA HIS A 292 3.92 -14.18 15.64
C HIS A 292 5.30 -13.86 16.16
N HIS A 296 8.07 -6.93 17.94
CA HIS A 296 9.47 -6.99 17.55
C HIS A 296 10.12 -5.65 17.74
N GLY A 297 10.45 -5.33 18.99
CA GLY A 297 10.97 -4.00 19.35
C GLY A 297 9.82 -3.02 19.52
N SER A 298 10.07 -1.74 19.27
CA SER A 298 9.03 -0.71 19.39
C SER A 298 8.25 -0.47 18.10
N THR A 299 8.90 -0.72 16.96
CA THR A 299 8.31 -0.48 15.64
C THR A 299 8.44 -1.70 14.73
N TYR A 300 7.58 -1.78 13.72
CA TYR A 300 7.72 -2.80 12.68
C TYR A 300 7.58 -2.18 11.30
N GLY A 301 8.47 -2.58 10.38
CA GLY A 301 8.45 -2.07 9.01
C GLY A 301 8.68 -0.57 8.92
N GLY A 302 8.32 0.00 7.78
CA GLY A 302 8.48 1.42 7.52
C GLY A 302 9.55 1.70 6.48
N ASN A 303 9.12 2.24 5.35
CA ASN A 303 10.04 2.71 4.32
C ASN A 303 10.84 3.92 4.84
N PRO A 304 12.18 3.85 4.79
CA PRO A 304 13.05 4.92 5.30
C PRO A 304 12.75 6.30 4.72
N LEU A 305 12.48 6.35 3.42
CA LEU A 305 12.17 7.60 2.75
C LEU A 305 10.81 8.12 3.22
N ALA A 306 9.80 7.26 3.19
CA ALA A 306 8.47 7.59 3.70
C ALA A 306 8.50 8.10 5.15
N CYS A 307 9.24 7.38 5.99
CA CYS A 307 9.29 7.70 7.41
C CYS A 307 10.05 8.98 7.69
N ALA A 308 11.05 9.28 6.86
CA ALA A 308 11.77 10.56 6.95
C ALA A 308 10.82 11.72 6.63
N VAL A 309 10.03 11.57 5.57
CA VAL A 309 9.06 12.59 5.19
C VAL A 309 7.98 12.75 6.26
N ALA A 310 7.45 11.62 6.75
CA ALA A 310 6.41 11.64 7.77
C ALA A 310 6.90 12.23 9.09
N GLY A 311 8.17 12.00 9.41
CA GLY A 311 8.79 12.59 10.60
C GLY A 311 8.83 14.11 10.55
N ALA A 312 9.19 14.65 9.38
CA ALA A 312 9.20 16.10 9.17
C ALA A 312 7.79 16.69 9.23
N THR A 313 6.83 15.95 8.66
CA THR A 313 5.42 16.32 8.71
C THR A 313 4.91 16.35 10.15
N PHE A 314 5.22 15.29 10.90
CA PHE A 314 4.81 15.18 12.30
C PHE A 314 5.38 16.32 13.15
N ASP A 315 6.67 16.59 12.98
CA ASP A 315 7.35 17.64 13.71
C ASP A 315 6.68 19.01 13.54
N ILE A 316 6.14 19.25 12.36
CA ILE A 316 5.46 20.50 12.05
C ILE A 316 4.03 20.52 12.58
N ILE A 317 3.26 19.47 12.28
CA ILE A 317 1.85 19.42 12.69
C ILE A 317 1.68 19.37 14.22
N ASN A 318 2.50 18.55 14.88
CA ASN A 318 2.41 18.42 16.34
C ASN A 318 3.07 19.57 17.09
N THR A 319 2.58 20.78 16.83
CA THR A 319 3.07 21.99 17.49
C THR A 319 1.86 22.81 17.91
N PRO A 320 1.98 23.56 19.03
CA PRO A 320 0.88 24.44 19.45
C PRO A 320 0.49 25.41 18.34
N GLU A 321 1.49 25.96 17.64
CA GLU A 321 1.26 26.92 16.55
C GLU A 321 0.31 26.38 15.48
N VAL A 322 0.64 25.21 14.92
CA VAL A 322 -0.20 24.63 13.86
C VAL A 322 -1.55 24.17 14.41
N LEU A 323 -1.54 23.43 15.50
CA LEU A 323 -2.78 22.89 16.07
C LEU A 323 -3.77 23.97 16.48
N GLN A 324 -3.25 25.03 17.13
CA GLN A 324 -4.10 26.16 17.55
C GLN A 324 -4.56 26.99 16.35
N GLY A 325 -3.69 27.10 15.34
CA GLY A 325 -4.01 27.81 14.12
C GLY A 325 -5.18 27.21 13.36
N ILE A 326 -5.38 25.90 13.51
CA ILE A 326 -6.45 25.18 12.82
C ILE A 326 -7.86 25.66 13.19
N HIS A 327 -8.07 25.96 14.47
CA HIS A 327 -9.37 26.46 14.94
C HIS A 327 -9.69 27.81 14.35
N THR A 328 -8.70 28.70 14.35
CA THR A 328 -8.84 30.03 13.76
C THR A 328 -9.19 29.95 12.27
N LYS A 329 -8.55 29.02 11.57
CA LYS A 329 -8.78 28.85 10.13
C LYS A 329 -10.16 28.26 9.85
N ARG A 330 -10.61 27.33 10.69
CA ARG A 330 -11.95 26.78 10.55
C ARG A 330 -13.00 27.88 10.62
N GLN A 331 -12.88 28.74 11.63
CA GLN A 331 -13.81 29.84 11.86
C GLN A 331 -13.89 30.73 10.63
N GLN A 332 -12.74 31.02 10.02
CA GLN A 332 -12.70 31.82 8.79
C GLN A 332 -13.44 31.15 7.64
N PHE A 333 -13.18 29.85 7.43
CA PHE A 333 -13.91 29.07 6.43
C PHE A 333 -15.42 29.10 6.66
N VAL A 334 -15.82 28.86 7.91
CA VAL A 334 -17.23 28.78 8.29
C VAL A 334 -17.94 30.13 8.08
N GLN A 335 -17.26 31.22 8.42
CA GLN A 335 -17.80 32.56 8.23
C GLN A 335 -18.07 32.84 6.75
N HIS A 336 -17.15 32.41 5.89
CA HIS A 336 -17.36 32.48 4.44
C HIS A 336 -18.53 31.64 4.01
N LEU A 337 -18.67 30.45 4.58
CA LEU A 337 -19.79 29.56 4.24
C LEU A 337 -21.14 30.14 4.68
N GLN A 338 -21.15 30.78 5.84
CA GLN A 338 -22.34 31.46 6.34
C GLN A 338 -22.71 32.66 5.46
N ALA A 339 -21.69 33.41 5.04
CA ALA A 339 -21.89 34.55 4.13
C ALA A 339 -22.51 34.08 2.81
N ILE A 340 -21.97 32.99 2.26
CA ILE A 340 -22.50 32.38 1.03
C ILE A 340 -23.97 31.96 1.23
N ASP A 341 -24.26 31.37 2.39
CA ASP A 341 -25.62 30.94 2.72
C ASP A 341 -26.56 32.14 2.90
N GLU A 342 -26.07 33.19 3.57
CA GLU A 342 -26.82 34.43 3.74
C GLU A 342 -27.22 35.05 2.41
N GLN A 343 -26.36 34.88 1.40
CA GLN A 343 -26.60 35.42 0.07
C GLN A 343 -27.44 34.47 -0.80
N PHE A 344 -27.14 33.18 -0.75
CA PHE A 344 -27.70 32.23 -1.71
C PHE A 344 -28.66 31.17 -1.15
N ASP A 345 -28.66 30.99 0.18
CA ASP A 345 -29.59 30.06 0.83
C ASP A 345 -29.46 28.63 0.27
N ILE A 346 -28.26 28.06 0.41
CA ILE A 346 -27.95 26.76 -0.20
C ILE A 346 -27.73 25.65 0.82
N PHE A 347 -27.28 26.02 2.02
CA PHE A 347 -26.89 25.06 3.05
C PHE A 347 -27.91 24.94 4.18
N SER A 348 -28.05 23.72 4.70
CA SER A 348 -28.88 23.48 5.87
C SER A 348 -28.04 23.26 7.13
N ASP A 349 -26.77 22.89 6.95
CA ASP A 349 -25.90 22.55 8.08
C ASP A 349 -24.41 22.68 7.75
N ILE A 350 -23.65 23.21 8.71
CA ILE A 350 -22.19 23.20 8.64
C ILE A 350 -21.67 22.36 9.81
N ARG A 351 -20.89 21.33 9.51
CA ARG A 351 -20.37 20.42 10.54
C ARG A 351 -18.93 19.96 10.29
N GLY A 352 -18.50 18.97 11.06
CA GLY A 352 -17.12 18.51 11.06
C GLY A 352 -16.35 19.04 12.25
N MET A 353 -15.03 18.93 12.18
CA MET A 353 -14.14 19.45 13.22
C MET A 353 -12.85 19.95 12.60
N GLY A 354 -12.27 20.99 13.19
CA GLY A 354 -11.03 21.58 12.69
C GLY A 354 -11.13 21.86 11.20
N LEU A 355 -10.15 21.40 10.45
CA LEU A 355 -10.15 21.66 9.01
C LEU A 355 -10.66 20.50 8.16
N LEU A 356 -11.54 19.70 8.74
CA LEU A 356 -12.44 18.84 7.98
C LEU A 356 -13.82 19.46 8.13
N ILE A 357 -14.33 20.01 7.02
CA ILE A 357 -15.56 20.78 7.05
C ILE A 357 -16.60 20.19 6.10
N GLY A 358 -17.80 19.96 6.62
CA GLY A 358 -18.93 19.53 5.82
C GLY A 358 -19.99 20.61 5.76
N ALA A 359 -20.54 20.83 4.56
CA ALA A 359 -21.64 21.77 4.39
C ALA A 359 -22.78 21.08 3.66
N GLU A 360 -23.83 20.74 4.40
CA GLU A 360 -24.96 19.98 3.86
C GLU A 360 -25.91 20.87 3.04
N LEU A 361 -26.24 20.42 1.84
CA LEU A 361 -27.14 21.16 0.95
C LEU A 361 -28.59 21.05 1.40
N LYS A 362 -29.35 22.14 1.22
CA LYS A 362 -30.80 22.14 1.47
C LYS A 362 -31.52 21.17 0.55
N PRO A 363 -32.72 20.70 0.94
CA PRO A 363 -33.48 19.77 0.10
C PRO A 363 -33.65 20.24 -1.35
N LYS A 364 -33.79 21.55 -1.52
CA LYS A 364 -33.86 22.18 -2.85
C LYS A 364 -32.67 21.83 -3.75
N TYR A 365 -31.53 21.56 -3.13
CA TYR A 365 -30.29 21.24 -3.88
C TYR A 365 -29.76 19.84 -3.57
N LYS A 366 -30.61 18.97 -3.02
CA LYS A 366 -30.23 17.59 -2.74
C LYS A 366 -29.76 16.87 -4.00
N GLY A 367 -28.70 16.07 -3.86
CA GLY A 367 -28.16 15.29 -4.97
C GLY A 367 -27.30 16.04 -5.96
N ARG A 368 -27.05 17.33 -5.70
CA ARG A 368 -26.36 18.20 -6.65
C ARG A 368 -24.97 18.68 -6.19
N ALA A 369 -24.34 17.92 -5.30
CA ALA A 369 -23.01 18.27 -4.80
C ALA A 369 -21.97 18.27 -5.91
N ARG A 370 -22.12 17.35 -6.86
CA ARG A 370 -21.21 17.26 -8.01
C ARG A 370 -21.25 18.53 -8.86
N ASP A 371 -22.43 19.12 -9.00
CA ASP A 371 -22.62 20.37 -9.76
C ASP A 371 -21.83 21.53 -9.15
N PHE A 372 -21.91 21.66 -7.82
CA PHE A 372 -21.16 22.70 -7.12
C PHE A 372 -19.66 22.45 -7.19
N LEU A 373 -19.29 21.17 -7.22
CA LEU A 373 -17.91 20.74 -7.36
C LEU A 373 -17.33 21.17 -8.70
N TYR A 374 -18.03 20.85 -9.79
CA TYR A 374 -17.61 21.21 -11.15
C TYR A 374 -17.57 22.72 -11.39
N ALA A 375 -18.55 23.43 -10.83
CA ALA A 375 -18.60 24.88 -10.91
C ALA A 375 -17.41 25.48 -10.18
N GLY A 376 -17.09 24.91 -9.01
CA GLY A 376 -15.91 25.31 -8.25
C GLY A 376 -14.65 25.22 -9.08
N ALA A 377 -14.42 24.05 -9.70
CA ALA A 377 -13.29 23.83 -10.58
C ALA A 377 -13.21 24.89 -11.69
N GLU A 378 -14.36 25.16 -12.34
CA GLU A 378 -14.44 26.19 -13.36
CA GLU A 378 -14.44 26.19 -13.36
C GLU A 378 -14.05 27.55 -12.80
N ALA A 379 -14.52 27.85 -11.58
CA ALA A 379 -14.19 29.12 -10.91
C ALA A 379 -12.77 29.14 -10.35
N GLY A 380 -12.06 28.02 -10.44
CA GLY A 380 -10.66 27.95 -9.99
C GLY A 380 -10.44 27.58 -8.53
N VAL A 381 -11.38 26.84 -7.95
CA VAL A 381 -11.25 26.34 -6.57
C VAL A 381 -11.56 24.84 -6.51
N MET A 382 -10.68 24.10 -5.86
CA MET A 382 -10.84 22.66 -5.73
C MET A 382 -11.46 22.31 -4.39
N VAL A 383 -12.63 21.70 -4.44
CA VAL A 383 -13.36 21.28 -3.24
C VAL A 383 -13.69 19.78 -3.33
N LEU A 384 -14.43 19.27 -2.35
CA LEU A 384 -14.79 17.87 -2.32
C LEU A 384 -16.29 17.69 -2.11
N ASN A 385 -16.75 16.45 -2.25
CA ASN A 385 -18.10 16.07 -1.83
C ASN A 385 -18.00 15.08 -0.67
N ALA A 386 -19.13 14.77 -0.04
CA ALA A 386 -19.21 13.71 0.95
C ALA A 386 -20.56 13.06 0.79
N GLY A 387 -20.74 12.37 -0.34
CA GLY A 387 -22.06 12.00 -0.83
C GLY A 387 -22.59 13.15 -1.67
N ALA A 388 -23.66 12.86 -2.42
CA ALA A 388 -24.24 13.83 -3.34
C ALA A 388 -24.98 14.99 -2.65
N ASP A 389 -25.07 14.95 -1.32
CA ASP A 389 -25.80 15.97 -0.57
C ASP A 389 -24.91 16.92 0.23
N VAL A 390 -23.61 16.64 0.25
CA VAL A 390 -22.68 17.38 1.14
C VAL A 390 -21.44 17.89 0.40
N MET A 391 -21.10 19.15 0.66
CA MET A 391 -19.84 19.73 0.23
C MET A 391 -18.79 19.49 1.31
N ARG A 392 -17.60 19.07 0.90
CA ARG A 392 -16.53 18.81 1.85
C ARG A 392 -15.30 19.66 1.55
N PHE A 393 -14.64 20.10 2.62
CA PHE A 393 -13.41 20.88 2.54
C PHE A 393 -12.37 20.27 3.46
N ALA A 394 -11.17 20.06 2.93
CA ALA A 394 -10.05 19.52 3.70
C ALA A 394 -8.73 20.17 3.28
N PRO A 395 -8.60 21.49 3.54
CA PRO A 395 -7.42 22.23 3.07
C PRO A 395 -6.18 21.93 3.90
N SER A 396 -5.04 22.35 3.38
CA SER A 396 -3.79 22.37 4.15
C SER A 396 -4.04 22.93 5.55
N LEU A 397 -3.39 22.33 6.54
CA LEU A 397 -3.56 22.78 7.92
C LEU A 397 -2.87 24.12 8.16
N VAL A 398 -1.95 24.49 7.26
CA VAL A 398 -1.27 25.79 7.31
C VAL A 398 -1.67 26.71 6.16
N VAL A 399 -2.89 26.51 5.65
CA VAL A 399 -3.42 27.31 4.55
C VAL A 399 -3.43 28.80 4.91
N GLU A 400 -2.85 29.62 4.04
CA GLU A 400 -2.78 31.07 4.23
C GLU A 400 -4.17 31.71 4.23
N GLU A 401 -4.37 32.70 5.10
CA GLU A 401 -5.64 33.43 5.16
C GLU A 401 -6.02 34.02 3.81
N ALA A 402 -5.04 34.59 3.10
CA ALA A 402 -5.26 35.12 1.76
C ALA A 402 -5.86 34.06 0.82
N ASP A 403 -5.40 32.82 0.94
CA ASP A 403 -5.92 31.72 0.12
C ASP A 403 -7.32 31.31 0.55
N ILE A 404 -7.57 31.32 1.86
CA ILE A 404 -8.90 31.08 2.39
C ILE A 404 -9.90 32.05 1.73
N HIS A 405 -9.58 33.34 1.79
CA HIS A 405 -10.49 34.37 1.24
C HIS A 405 -10.64 34.28 -0.26
N GLU A 406 -9.53 34.14 -0.97
CA GLU A 406 -9.60 34.02 -2.44
C GLU A 406 -10.38 32.78 -2.88
N GLY A 407 -10.05 31.63 -2.30
CA GLY A 407 -10.71 30.37 -2.65
C GLY A 407 -12.20 30.39 -2.37
N MET A 408 -12.57 30.93 -1.21
CA MET A 408 -13.98 31.03 -0.82
C MET A 408 -14.76 32.04 -1.67
N GLN A 409 -14.07 33.10 -2.12
CA GLN A 409 -14.67 34.05 -3.04
C GLN A 409 -14.96 33.39 -4.38
N ARG A 410 -14.01 32.57 -4.85
CA ARG A 410 -14.19 31.78 -6.06
C ARG A 410 -15.34 30.78 -5.90
N PHE A 411 -15.42 30.14 -4.73
CA PHE A 411 -16.53 29.23 -4.45
C PHE A 411 -17.87 29.96 -4.43
N ALA A 412 -17.89 31.17 -3.85
CA ALA A 412 -19.07 32.02 -3.88
C ALA A 412 -19.52 32.31 -5.32
N GLN A 413 -18.56 32.59 -6.20
CA GLN A 413 -18.83 32.80 -7.63
C GLN A 413 -19.41 31.54 -8.28
N ALA A 414 -18.86 30.38 -7.92
CA ALA A 414 -19.36 29.10 -8.41
C ALA A 414 -20.78 28.83 -7.91
N VAL A 415 -21.01 29.10 -6.63
CA VAL A 415 -22.35 28.95 -6.04
C VAL A 415 -23.33 29.85 -6.79
N GLY A 416 -22.95 31.11 -6.95
CA GLY A 416 -23.73 32.08 -7.73
C GLY A 416 -24.08 31.62 -9.12
N LYS A 417 -23.14 30.95 -9.79
CA LYS A 417 -23.38 30.41 -11.14
C LYS A 417 -24.43 29.31 -11.15
N VAL A 418 -24.32 28.35 -10.23
CA VAL A 418 -25.27 27.24 -10.13
C VAL A 418 -26.68 27.75 -9.81
N VAL A 419 -26.77 28.72 -8.90
CA VAL A 419 -28.05 29.32 -8.50
C VAL A 419 -28.75 30.01 -9.68
N ALA A 420 -28.02 30.88 -10.39
CA ALA A 420 -28.57 31.67 -11.50
C ALA A 420 -29.12 30.82 -12.65
N LEU B 33 11.77 -19.10 13.11
CA LEU B 33 10.85 -19.01 11.93
C LEU B 33 11.08 -17.70 11.13
N PRO B 34 10.69 -16.54 11.69
CA PRO B 34 10.93 -15.32 10.90
C PRO B 34 12.37 -14.82 11.03
N VAL B 35 12.85 -14.15 9.99
CA VAL B 35 14.20 -13.58 10.00
C VAL B 35 14.14 -12.11 10.44
N TYR B 36 14.60 -11.85 11.66
CA TYR B 36 14.69 -10.48 12.18
C TYR B 36 16.15 -10.11 12.42
N ALA B 37 16.54 -8.95 11.89
CA ALA B 37 17.86 -8.40 12.14
C ALA B 37 18.03 -8.02 13.60
N PRO B 38 19.22 -8.28 14.18
CA PRO B 38 19.47 -7.89 15.57
C PRO B 38 19.67 -6.38 15.71
N ALA B 39 19.70 -5.90 16.96
CA ALA B 39 19.78 -4.46 17.25
C ALA B 39 21.08 -3.80 16.77
N ASP B 40 22.12 -4.59 16.52
CA ASP B 40 23.39 -4.08 16.01
C ASP B 40 23.51 -4.17 14.48
N PHE B 41 22.38 -4.38 13.80
CA PHE B 41 22.36 -4.40 12.34
C PHE B 41 21.19 -3.56 11.83
N ILE B 42 21.40 -2.24 11.81
CA ILE B 42 20.41 -1.30 11.31
C ILE B 42 21.03 -0.56 10.13
N PRO B 43 20.51 -0.81 8.91
CA PRO B 43 21.01 -0.12 7.72
C PRO B 43 20.76 1.39 7.81
N VAL B 44 21.80 2.18 7.54
CA VAL B 44 21.68 3.64 7.58
C VAL B 44 21.96 4.29 6.22
N LYS B 45 22.81 3.66 5.41
CA LYS B 45 23.22 4.22 4.13
CA LYS B 45 23.22 4.22 4.13
C LYS B 45 23.39 3.12 3.08
N GLY B 46 22.95 3.43 1.85
CA GLY B 46 23.14 2.53 0.73
C GLY B 46 23.65 3.29 -0.48
N LYS B 47 24.55 2.66 -1.22
CA LYS B 47 25.04 3.20 -2.48
C LYS B 47 25.40 2.05 -3.42
N GLY B 48 24.69 1.98 -4.54
CA GLY B 48 24.86 0.88 -5.50
C GLY B 48 24.48 -0.43 -4.83
N SER B 49 25.42 -1.37 -4.81
CA SER B 49 25.19 -2.67 -4.15
C SER B 49 25.85 -2.76 -2.78
N ARG B 50 26.13 -1.61 -2.17
CA ARG B 50 26.76 -1.56 -0.85
CA ARG B 50 26.73 -1.60 -0.85
C ARG B 50 25.85 -0.89 0.18
N VAL B 51 25.84 -1.45 1.39
CA VAL B 51 25.00 -0.98 2.48
C VAL B 51 25.87 -0.85 3.73
N TRP B 52 25.72 0.26 4.45
CA TRP B 52 26.42 0.43 5.72
C TRP B 52 25.44 0.49 6.85
N ASP B 53 25.81 -0.09 7.99
CA ASP B 53 24.97 -0.03 9.19
C ASP B 53 25.42 1.06 10.16
N GLN B 54 24.77 1.11 11.34
CA GLN B 54 25.06 2.14 12.34
C GLN B 54 26.51 2.14 12.84
N GLN B 55 27.13 0.97 12.88
CA GLN B 55 28.54 0.86 13.30
C GLN B 55 29.52 1.11 12.15
N GLY B 56 28.99 1.42 10.98
CA GLY B 56 29.82 1.66 9.79
C GLY B 56 30.30 0.39 9.11
N LYS B 57 29.74 -0.75 9.50
CA LYS B 57 30.06 -2.02 8.81
C LYS B 57 29.47 -2.01 7.40
N GLU B 58 30.29 -2.40 6.43
CA GLU B 58 29.90 -2.43 5.03
C GLU B 58 29.47 -3.83 4.59
N TYR B 59 28.36 -3.90 3.86
CA TYR B 59 27.84 -5.15 3.33
C TYR B 59 27.68 -5.07 1.81
N ILE B 60 27.89 -6.20 1.13
CA ILE B 60 27.51 -6.32 -0.27
C ILE B 60 26.08 -6.84 -0.29
N ASP B 61 25.24 -6.18 -1.08
CA ASP B 61 23.82 -6.50 -1.08
C ASP B 61 23.42 -7.38 -2.27
N PHE B 62 23.22 -8.67 -2.02
CA PHE B 62 22.67 -9.59 -3.02
C PHE B 62 21.20 -9.88 -2.77
N ALA B 63 20.58 -9.10 -1.88
CA ALA B 63 19.19 -9.31 -1.46
C ALA B 63 18.22 -8.30 -2.06
N GLY B 64 18.69 -7.06 -2.24
CA GLY B 64 17.88 -5.97 -2.80
C GLY B 64 16.61 -5.62 -2.03
N GLY B 65 16.63 -5.82 -0.71
CA GLY B 65 15.45 -5.58 0.11
C GLY B 65 14.31 -6.51 -0.28
N ILE B 66 14.68 -7.71 -0.72
CA ILE B 66 13.79 -8.75 -1.28
C ILE B 66 13.37 -8.43 -2.72
N ALA B 67 14.37 -8.31 -3.58
CA ALA B 67 14.20 -8.05 -5.02
C ALA B 67 13.50 -6.73 -5.34
N VAL B 68 13.66 -5.73 -4.46
CA VAL B 68 13.04 -4.42 -4.66
C VAL B 68 13.99 -3.44 -5.34
N THR B 69 15.20 -3.29 -4.80
CA THR B 69 16.13 -2.30 -5.30
C THR B 69 16.88 -2.84 -6.52
N ALA B 70 16.14 -2.95 -7.63
CA ALA B 70 16.64 -3.55 -8.86
C ALA B 70 17.73 -2.73 -9.55
N LEU B 71 17.87 -1.47 -9.15
CA LEU B 71 18.94 -0.63 -9.68
C LEU B 71 19.90 -0.19 -8.60
N GLY B 72 19.90 -0.92 -7.49
CA GLY B 72 20.78 -0.62 -6.37
C GLY B 72 20.27 0.54 -5.55
N HIS B 73 21.08 0.94 -4.57
CA HIS B 73 20.70 2.00 -3.64
C HIS B 73 21.12 3.35 -4.13
N CYS B 74 20.23 4.33 -3.96
CA CYS B 74 20.48 5.72 -4.37
C CYS B 74 21.12 5.84 -5.76
N HIS B 75 20.54 5.17 -6.74
CA HIS B 75 20.96 5.30 -8.14
C HIS B 75 20.75 6.72 -8.59
N PRO B 76 21.78 7.33 -9.22
CA PRO B 76 21.73 8.75 -9.61
C PRO B 76 20.50 9.15 -10.44
N ALA B 77 20.11 8.33 -11.42
CA ALA B 77 18.94 8.67 -12.24
C ALA B 77 17.63 8.68 -11.44
N LEU B 78 17.50 7.72 -10.52
CA LEU B 78 16.31 7.64 -9.66
C LEU B 78 16.27 8.76 -8.62
N VAL B 79 17.43 9.09 -8.04
CA VAL B 79 17.55 10.21 -7.11
C VAL B 79 17.20 11.54 -7.81
N GLU B 80 17.71 11.72 -9.03
CA GLU B 80 17.37 12.89 -9.84
C GLU B 80 15.87 13.00 -10.13
N ALA B 81 15.27 11.88 -10.51
CA ALA B 81 13.84 11.82 -10.81
C ALA B 81 12.98 12.17 -9.59
N LEU B 82 13.37 11.63 -8.44
CA LEU B 82 12.69 11.93 -7.16
C LEU B 82 12.81 13.41 -6.79
N LYS B 83 14.00 13.97 -6.99
CA LYS B 83 14.25 15.36 -6.61
C LYS B 83 13.51 16.35 -7.48
N SER B 84 13.58 16.19 -8.81
CA SER B 84 12.89 17.11 -9.72
C SER B 84 11.38 17.03 -9.58
N GLN B 85 10.81 15.82 -9.51
CA GLN B 85 9.37 15.70 -9.30
C GLN B 85 8.97 16.20 -7.92
N GLY B 86 9.84 15.96 -6.94
CA GLY B 86 9.61 16.39 -5.55
C GLY B 86 9.54 17.91 -5.38
N GLU B 87 10.07 18.66 -6.35
CA GLU B 87 9.99 20.12 -6.36
C GLU B 87 8.70 20.60 -7.00
N THR B 88 8.00 19.70 -7.68
CA THR B 88 6.92 20.09 -8.60
C THR B 88 5.53 19.68 -8.11
N LEU B 89 5.34 18.39 -7.85
CA LEU B 89 4.07 17.83 -7.43
C LEU B 89 4.25 16.41 -6.90
N TRP B 90 3.77 16.15 -5.69
CA TRP B 90 3.90 14.84 -5.05
C TRP B 90 2.67 14.00 -5.22
N HIS B 91 1.51 14.63 -5.06
CA HIS B 91 0.27 13.90 -4.85
C HIS B 91 -0.92 14.41 -5.63
N THR B 92 -1.72 13.47 -6.12
CA THR B 92 -3.05 13.75 -6.66
C THR B 92 -3.95 12.59 -6.23
N SER B 93 -5.22 12.86 -5.93
CA SER B 93 -6.17 11.81 -5.59
C SER B 93 -6.53 10.98 -6.84
N ARG B 94 -7.22 9.85 -6.60
CA ARG B 94 -7.69 8.98 -7.68
C ARG B 94 -8.59 9.70 -8.68
N VAL B 95 -9.11 10.86 -8.27
CA VAL B 95 -9.96 11.71 -9.12
C VAL B 95 -9.20 12.29 -10.32
N PHE B 96 -7.90 12.54 -10.16
CA PHE B 96 -7.09 13.16 -11.20
C PHE B 96 -6.08 12.20 -11.77
N THR B 97 -5.62 12.46 -12.98
CA THR B 97 -4.41 11.84 -13.46
C THR B 97 -3.26 12.85 -13.34
N ASN B 98 -2.05 12.46 -13.74
CA ASN B 98 -0.89 13.35 -13.73
C ASN B 98 0.11 12.91 -14.78
N GLU B 99 1.02 13.81 -15.14
CA GLU B 99 1.95 13.53 -16.24
C GLU B 99 2.86 12.33 -16.01
N PRO B 100 3.45 12.18 -14.79
CA PRO B 100 4.26 10.98 -14.57
C PRO B 100 3.46 9.68 -14.72
N ALA B 101 2.24 9.65 -14.22
CA ALA B 101 1.40 8.45 -14.33
C ALA B 101 1.05 8.14 -15.78
N LEU B 102 0.66 9.16 -16.53
CA LEU B 102 0.36 9.00 -17.97
C LEU B 102 1.58 8.50 -18.76
N ARG B 103 2.75 9.06 -18.46
CA ARG B 103 3.99 8.64 -19.13
C ARG B 103 4.28 7.17 -18.84
N LEU B 104 4.17 6.78 -17.57
CA LEU B 104 4.45 5.41 -17.14
C LEU B 104 3.45 4.43 -17.72
N GLY B 105 2.17 4.79 -17.68
CA GLY B 105 1.12 3.99 -18.30
C GLY B 105 1.42 3.73 -19.76
N ARG B 106 1.80 4.79 -20.49
CA ARG B 106 2.10 4.69 -21.92
C ARG B 106 3.27 3.74 -22.18
N LYS B 107 4.31 3.85 -21.37
CA LYS B 107 5.49 3.00 -21.48
C LYS B 107 5.15 1.52 -21.22
N LEU B 108 4.37 1.26 -20.18
CA LEU B 108 3.97 -0.11 -19.88
C LEU B 108 3.07 -0.69 -20.97
N ILE B 109 2.13 0.14 -21.45
CA ILE B 109 1.22 -0.25 -22.53
C ILE B 109 1.98 -0.55 -23.82
N ASP B 110 2.97 0.30 -24.13
CA ASP B 110 3.79 0.10 -25.33
C ASP B 110 4.68 -1.13 -25.24
N ALA B 111 5.14 -1.44 -24.03
CA ALA B 111 6.10 -2.53 -23.83
C ALA B 111 5.47 -3.90 -23.60
N THR B 112 4.16 -3.95 -23.37
CA THR B 112 3.51 -5.21 -23.00
C THR B 112 2.18 -5.45 -23.71
N PHE B 113 1.56 -6.58 -23.40
CA PHE B 113 0.21 -6.93 -23.87
C PHE B 113 -0.86 -5.96 -23.38
N ALA B 114 -0.56 -5.20 -22.32
CA ALA B 114 -1.57 -4.36 -21.67
C ALA B 114 -2.11 -3.24 -22.56
N GLU B 115 -3.39 -2.92 -22.35
CA GLU B 115 -4.05 -1.77 -22.99
C GLU B 115 -4.49 -0.76 -21.92
N ARG B 116 -4.55 -1.23 -20.68
CA ARG B 116 -4.99 -0.42 -19.54
C ARG B 116 -4.08 -0.71 -18.35
N VAL B 117 -3.78 0.31 -17.56
CA VAL B 117 -2.90 0.18 -16.40
C VAL B 117 -3.47 0.94 -15.21
N LEU B 118 -3.58 0.27 -14.07
CA LEU B 118 -4.02 0.88 -12.81
C LEU B 118 -2.87 0.88 -11.81
N PHE B 119 -2.58 2.04 -11.25
CA PHE B 119 -1.45 2.20 -10.31
C PHE B 119 -1.91 2.23 -8.85
N MET B 120 -1.16 1.53 -8.00
CA MET B 120 -1.35 1.57 -6.55
CA MET B 120 -1.36 1.57 -6.55
C MET B 120 -0.01 1.79 -5.85
N ASN B 121 0.04 1.51 -4.55
CA ASN B 121 1.24 1.70 -3.72
C ASN B 121 2.07 0.43 -3.52
N SER B 122 1.44 -0.73 -3.60
CA SER B 122 2.14 -1.99 -3.30
C SER B 122 1.63 -3.15 -4.13
N GLY B 123 2.41 -4.22 -4.20
CA GLY B 123 2.03 -5.44 -4.91
C GLY B 123 0.79 -6.09 -4.31
N THR B 124 0.68 -6.01 -3.00
CA THR B 124 -0.51 -6.48 -2.28
C THR B 124 -1.76 -5.77 -2.80
N GLU B 125 -1.72 -4.44 -2.86
CA GLU B 125 -2.85 -3.66 -3.39
C GLU B 125 -3.14 -3.97 -4.85
N ALA B 126 -2.08 -4.12 -5.64
CA ALA B 126 -2.20 -4.48 -7.06
C ALA B 126 -2.89 -5.83 -7.21
N ASN B 127 -2.48 -6.79 -6.38
CA ASN B 127 -3.11 -8.12 -6.35
C ASN B 127 -4.58 -8.06 -5.91
N GLU B 128 -4.87 -7.28 -4.87
CA GLU B 128 -6.25 -7.02 -4.46
C GLU B 128 -7.11 -6.58 -5.65
N THR B 129 -6.57 -5.63 -6.41
CA THR B 129 -7.27 -5.07 -7.56
C THR B 129 -7.44 -6.10 -8.67
N ALA B 130 -6.39 -6.86 -8.95
CA ALA B 130 -6.42 -7.92 -9.96
C ALA B 130 -7.46 -8.98 -9.63
N PHE B 131 -7.45 -9.45 -8.37
CA PHE B 131 -8.36 -10.52 -7.92
C PHE B 131 -9.80 -10.04 -7.88
N LYS B 132 -9.98 -8.80 -7.43
CA LYS B 132 -11.30 -8.18 -7.42
C LYS B 132 -11.83 -8.01 -8.85
N LEU B 133 -10.94 -7.57 -9.75
CA LEU B 133 -11.33 -7.40 -11.14
C LEU B 133 -11.73 -8.73 -11.79
N ALA B 134 -10.92 -9.77 -11.61
CA ALA B 134 -11.26 -11.09 -12.11
C ALA B 134 -12.63 -11.54 -11.60
N ARG B 135 -12.88 -11.35 -10.30
CA ARG B 135 -14.16 -11.70 -9.70
C ARG B 135 -15.31 -10.90 -10.32
N HIS B 136 -15.11 -9.60 -10.45
CA HIS B 136 -16.16 -8.71 -10.95
C HIS B 136 -16.45 -8.94 -12.42
N TYR B 137 -15.40 -9.15 -13.21
CA TYR B 137 -15.56 -9.46 -14.64
C TYR B 137 -16.44 -10.69 -14.83
N ALA B 138 -16.13 -11.75 -14.09
CA ALA B 138 -16.92 -12.98 -14.13
C ALA B 138 -18.36 -12.72 -13.72
N CYS B 139 -18.53 -11.99 -12.61
CA CYS B 139 -19.86 -11.66 -12.11
C CYS B 139 -20.74 -10.99 -13.17
N VAL B 140 -20.23 -9.94 -13.82
CA VAL B 140 -21.04 -9.15 -14.75
C VAL B 140 -21.06 -9.67 -16.19
N ARG B 141 -20.00 -10.36 -16.61
CA ARG B 141 -19.93 -10.89 -17.98
C ARG B 141 -20.48 -12.30 -18.15
N HIS B 142 -20.56 -13.07 -17.07
CA HIS B 142 -20.96 -14.47 -17.17
C HIS B 142 -22.00 -14.88 -16.16
N SER B 143 -21.61 -14.89 -14.89
CA SER B 143 -22.51 -15.34 -13.81
C SER B 143 -22.01 -14.88 -12.45
N PRO B 144 -22.95 -14.50 -11.55
CA PRO B 144 -22.58 -14.20 -10.17
C PRO B 144 -22.12 -15.44 -9.39
N PHE B 145 -22.37 -16.64 -9.94
CA PHE B 145 -21.90 -17.89 -9.31
C PHE B 145 -20.52 -18.32 -9.79
N LYS B 146 -19.95 -17.58 -10.74
CA LYS B 146 -18.65 -17.89 -11.29
C LYS B 146 -17.57 -17.24 -10.41
N THR B 147 -17.26 -17.87 -9.29
CA THR B 147 -16.45 -17.23 -8.24
C THR B 147 -15.16 -17.95 -7.86
N LYS B 148 -14.99 -19.19 -8.34
CA LYS B 148 -13.84 -19.99 -7.92
CA LYS B 148 -13.84 -20.01 -7.94
C LYS B 148 -12.51 -19.42 -8.41
N ILE B 149 -11.57 -19.27 -7.48
CA ILE B 149 -10.21 -18.85 -7.79
C ILE B 149 -9.26 -20.02 -7.53
N ILE B 150 -8.46 -20.36 -8.54
CA ILE B 150 -7.47 -21.43 -8.38
C ILE B 150 -6.07 -20.82 -8.20
N ALA B 151 -5.42 -21.21 -7.11
CA ALA B 151 -4.06 -20.78 -6.83
C ALA B 151 -3.19 -21.98 -6.44
N PHE B 152 -1.95 -21.74 -6.06
CA PHE B 152 -1.03 -22.85 -5.85
C PHE B 152 -0.37 -22.89 -4.49
N HIS B 153 -0.12 -24.10 -3.98
CA HIS B 153 0.62 -24.29 -2.72
C HIS B 153 1.92 -23.55 -2.80
N ASN B 154 2.31 -22.93 -1.69
CA ASN B 154 3.55 -22.15 -1.57
C ASN B 154 3.54 -20.78 -2.25
N ALA B 155 2.43 -20.42 -2.89
CA ALA B 155 2.30 -19.10 -3.51
C ALA B 155 2.34 -17.98 -2.48
N PHE B 156 2.91 -16.84 -2.88
CA PHE B 156 2.83 -15.63 -2.08
C PHE B 156 2.29 -14.48 -2.91
N HIS B 157 1.18 -13.90 -2.44
CA HIS B 157 0.51 -12.80 -3.15
C HIS B 157 0.28 -11.59 -2.28
N GLY B 158 0.78 -11.62 -1.05
CA GLY B 158 0.57 -10.51 -0.11
C GLY B 158 -0.03 -10.94 1.22
N ARG B 159 -0.16 -9.97 2.13
CA ARG B 159 -0.56 -10.25 3.51
C ARG B 159 -1.91 -9.65 3.91
N SER B 160 -2.62 -9.03 2.97
CA SER B 160 -4.00 -8.64 3.22
C SER B 160 -4.83 -9.92 3.34
N LEU B 161 -5.98 -9.84 4.01
CA LEU B 161 -6.79 -11.04 4.24
C LEU B 161 -7.08 -11.80 2.94
N PHE B 162 -7.44 -11.06 1.89
CA PHE B 162 -7.79 -11.65 0.59
C PHE B 162 -6.56 -12.25 -0.10
N THR B 163 -5.47 -11.48 -0.17
CA THR B 163 -4.26 -11.95 -0.87
C THR B 163 -3.57 -13.09 -0.14
N VAL B 164 -3.59 -13.07 1.20
CA VAL B 164 -2.97 -14.15 1.98
C VAL B 164 -3.82 -15.43 1.89
N SER B 165 -5.13 -15.27 1.69
CA SER B 165 -6.01 -16.43 1.45
C SER B 165 -5.81 -17.03 0.06
N VAL B 166 -5.46 -16.18 -0.91
CA VAL B 166 -5.13 -16.67 -2.26
C VAL B 166 -3.72 -17.26 -2.24
N GLY B 167 -2.84 -16.68 -1.43
CA GLY B 167 -1.51 -17.26 -1.16
C GLY B 167 -1.63 -18.68 -0.62
N GLY B 168 -0.58 -19.48 -0.83
CA GLY B 168 -0.65 -20.91 -0.58
C GLY B 168 0.12 -21.41 0.62
N GLN B 169 0.13 -20.61 1.68
CA GLN B 169 0.69 -21.05 2.96
C GLN B 169 -0.37 -20.90 4.06
N PRO B 170 -1.05 -22.01 4.41
CA PRO B 170 -2.13 -22.00 5.40
C PRO B 170 -1.72 -21.37 6.73
N LYS B 171 -0.46 -21.56 7.13
CA LYS B 171 0.08 -20.96 8.35
C LYS B 171 -0.15 -19.45 8.44
N TYR B 172 -0.10 -18.77 7.29
CA TYR B 172 -0.23 -17.31 7.25
C TYR B 172 -1.66 -16.80 7.09
N SER B 173 -2.57 -17.69 6.71
CA SER B 173 -3.97 -17.31 6.56
C SER B 173 -4.86 -17.81 7.71
N ASP B 174 -4.38 -18.78 8.48
CA ASP B 174 -5.06 -19.23 9.69
C ASP B 174 -5.06 -18.12 10.75
N GLY B 175 -6.12 -18.06 11.54
CA GLY B 175 -6.13 -17.24 12.76
C GLY B 175 -6.60 -15.82 12.63
N PHE B 176 -7.31 -15.50 11.55
CA PHE B 176 -7.80 -14.14 11.30
C PHE B 176 -9.31 -14.12 11.10
N GLY B 177 -9.99 -15.18 11.53
CA GLY B 177 -11.43 -15.27 11.35
C GLY B 177 -11.76 -15.78 9.97
N PRO B 178 -13.05 -15.74 9.59
CA PRO B 178 -13.48 -16.30 8.31
C PRO B 178 -12.73 -15.68 7.12
N LYS B 179 -12.07 -16.53 6.34
CA LYS B 179 -11.37 -16.11 5.13
C LYS B 179 -12.37 -15.94 3.99
N PRO B 180 -12.07 -15.06 3.01
CA PRO B 180 -12.87 -15.00 1.78
C PRO B 180 -12.90 -16.38 1.17
N ALA B 181 -14.10 -16.89 0.88
CA ALA B 181 -14.30 -18.26 0.41
C ALA B 181 -14.07 -18.44 -1.09
N ASP B 182 -14.23 -19.68 -1.57
CA ASP B 182 -14.15 -20.04 -3.00
C ASP B 182 -12.75 -19.88 -3.58
N ILE B 183 -11.75 -20.21 -2.77
CA ILE B 183 -10.36 -20.24 -3.21
C ILE B 183 -9.87 -21.67 -3.03
N ILE B 184 -9.34 -22.27 -4.09
CA ILE B 184 -8.85 -23.64 -4.06
C ILE B 184 -7.36 -23.66 -4.40
N HIS B 185 -6.59 -24.42 -3.62
CA HIS B 185 -5.16 -24.58 -3.88
C HIS B 185 -4.80 -25.98 -4.33
N VAL B 186 -3.95 -26.05 -5.35
CA VAL B 186 -3.39 -27.30 -5.84
C VAL B 186 -1.88 -27.13 -5.97
N PRO B 187 -1.12 -28.23 -6.16
CA PRO B 187 0.34 -28.04 -6.21
C PRO B 187 0.79 -27.28 -7.47
N PHE B 188 1.80 -26.42 -7.29
CA PHE B 188 2.45 -25.72 -8.39
C PHE B 188 2.98 -26.74 -9.40
N ASN B 189 2.86 -26.42 -10.69
CA ASN B 189 3.34 -27.29 -11.77
C ASN B 189 2.57 -28.61 -11.95
N ASP B 190 1.42 -28.73 -11.30
CA ASP B 190 0.58 -29.93 -11.43
C ASP B 190 -0.66 -29.62 -12.27
N LEU B 191 -0.53 -29.79 -13.58
CA LEU B 191 -1.61 -29.48 -14.51
C LEU B 191 -2.83 -30.40 -14.33
N HIS B 192 -2.58 -31.67 -13.98
CA HIS B 192 -3.66 -32.62 -13.72
C HIS B 192 -4.56 -32.14 -12.61
N ALA B 193 -3.95 -31.65 -11.53
CA ALA B 193 -4.69 -31.14 -10.38
C ALA B 193 -5.58 -29.96 -10.75
N VAL B 194 -5.06 -29.06 -11.59
CA VAL B 194 -5.82 -27.90 -12.06
C VAL B 194 -7.03 -28.34 -12.88
N LYS B 195 -6.80 -29.25 -13.83
CA LYS B 195 -7.90 -29.81 -14.64
C LYS B 195 -9.00 -30.38 -13.76
N ALA B 196 -8.60 -31.04 -12.67
CA ALA B 196 -9.53 -31.70 -11.75
C ALA B 196 -10.50 -30.75 -11.04
N VAL B 197 -10.02 -29.55 -10.69
CA VAL B 197 -10.84 -28.60 -9.91
C VAL B 197 -11.41 -27.47 -10.75
N MET B 198 -10.99 -27.37 -12.01
CA MET B 198 -11.42 -26.29 -12.87
C MET B 198 -12.70 -26.61 -13.61
N ASP B 199 -13.62 -25.66 -13.61
CA ASP B 199 -14.91 -25.80 -14.28
C ASP B 199 -15.41 -24.45 -14.75
N ASP B 200 -16.65 -24.39 -15.24
CA ASP B 200 -17.24 -23.13 -15.67
C ASP B 200 -17.57 -22.19 -14.50
N HIS B 201 -17.48 -22.69 -13.27
CA HIS B 201 -17.65 -21.85 -12.07
C HIS B 201 -16.37 -21.16 -11.66
N THR B 202 -15.28 -21.41 -12.38
CA THR B 202 -13.98 -20.79 -12.12
C THR B 202 -13.86 -19.41 -12.78
N CYS B 203 -13.47 -18.41 -11.99
CA CYS B 203 -13.33 -17.05 -12.51
C CYS B 203 -11.87 -16.70 -12.81
N ALA B 204 -10.94 -17.34 -12.11
CA ALA B 204 -9.52 -16.99 -12.24
C ALA B 204 -8.58 -18.12 -11.88
N VAL B 205 -7.45 -18.16 -12.58
CA VAL B 205 -6.29 -18.90 -12.14
C VAL B 205 -5.20 -17.87 -11.80
N VAL B 206 -4.67 -17.94 -10.58
CA VAL B 206 -3.63 -17.02 -10.13
C VAL B 206 -2.33 -17.78 -9.94
N VAL B 207 -1.25 -17.29 -10.54
CA VAL B 207 0.03 -17.97 -10.49
C VAL B 207 1.22 -16.99 -10.56
N GLU B 208 2.29 -17.30 -9.84
CA GLU B 208 3.59 -16.66 -10.04
C GLU B 208 4.35 -17.46 -11.10
N PRO B 209 4.74 -16.83 -12.22
CA PRO B 209 5.50 -17.59 -13.21
C PRO B 209 6.73 -18.28 -12.62
N ILE B 210 7.33 -17.63 -11.62
CA ILE B 210 8.35 -18.25 -10.77
C ILE B 210 7.96 -17.95 -9.32
N GLN B 211 7.84 -19.01 -8.51
CA GLN B 211 7.53 -18.85 -7.10
C GLN B 211 8.79 -18.47 -6.32
N GLY B 212 8.93 -17.19 -6.04
CA GLY B 212 10.13 -16.66 -5.39
C GLY B 212 10.25 -17.11 -3.95
N GLU B 213 9.19 -16.91 -3.17
CA GLU B 213 9.17 -17.29 -1.77
C GLU B 213 9.15 -18.82 -1.60
N GLY B 214 8.45 -19.50 -2.52
CA GLY B 214 8.30 -20.95 -2.47
C GLY B 214 9.43 -21.73 -3.11
N GLY B 215 10.66 -21.44 -2.70
CA GLY B 215 11.84 -22.20 -3.11
C GLY B 215 12.43 -21.85 -4.47
N VAL B 216 12.05 -20.69 -5.00
CA VAL B 216 12.48 -20.23 -6.32
C VAL B 216 12.17 -21.31 -7.38
N GLN B 217 10.90 -21.71 -7.47
CA GLN B 217 10.48 -22.75 -8.41
C GLN B 217 9.83 -22.12 -9.65
N ALA B 218 10.40 -22.43 -10.81
CA ALA B 218 9.87 -21.90 -12.06
C ALA B 218 8.76 -22.81 -12.58
N ALA B 219 7.74 -22.20 -13.19
CA ALA B 219 6.72 -22.98 -13.88
C ALA B 219 7.34 -23.67 -15.10
N THR B 220 6.87 -24.87 -15.42
CA THR B 220 7.27 -25.49 -16.67
C THR B 220 6.47 -24.80 -17.78
N PRO B 221 7.04 -24.76 -19.01
CA PRO B 221 6.24 -24.22 -20.12
C PRO B 221 4.93 -24.99 -20.34
N GLU B 222 4.95 -26.31 -20.19
CA GLU B 222 3.73 -27.11 -20.32
C GLU B 222 2.65 -26.65 -19.32
N PHE B 223 3.03 -26.50 -18.06
CA PHE B 223 2.12 -26.06 -16.99
C PHE B 223 1.46 -24.72 -17.33
N LEU B 224 2.28 -23.73 -17.65
CA LEU B 224 1.81 -22.37 -17.89
C LEU B 224 0.95 -22.26 -19.15
N LYS B 225 1.39 -22.94 -20.22
CA LYS B 225 0.62 -23.07 -21.46
C LYS B 225 -0.73 -23.76 -21.18
N GLY B 226 -0.71 -24.80 -20.37
CA GLY B 226 -1.93 -25.51 -19.96
C GLY B 226 -2.91 -24.62 -19.22
N LEU B 227 -2.39 -23.79 -18.32
CA LEU B 227 -3.22 -22.81 -17.60
C LEU B 227 -3.90 -21.85 -18.57
N ARG B 228 -3.15 -21.36 -19.56
CA ARG B 228 -3.71 -20.48 -20.58
C ARG B 228 -4.86 -21.15 -21.33
N ASP B 229 -4.65 -22.40 -21.75
CA ASP B 229 -5.64 -23.17 -22.49
C ASP B 229 -6.87 -23.52 -21.65
N LEU B 230 -6.65 -23.90 -20.39
CA LEU B 230 -7.77 -24.15 -19.47
C LEU B 230 -8.59 -22.89 -19.19
N CYS B 231 -7.92 -21.75 -19.02
CA CYS B 231 -8.60 -20.48 -18.83
C CYS B 231 -9.43 -20.09 -20.06
N ASP B 232 -8.86 -20.33 -21.25
CA ASP B 232 -9.61 -20.10 -22.50
C ASP B 232 -10.85 -20.99 -22.58
N GLU B 233 -10.69 -22.28 -22.30
CA GLU B 233 -11.78 -23.25 -22.37
C GLU B 233 -12.93 -22.96 -21.40
N HIS B 234 -12.60 -22.42 -20.23
CA HIS B 234 -13.58 -22.20 -19.17
C HIS B 234 -13.95 -20.76 -18.98
N GLN B 235 -13.45 -19.91 -19.87
CA GLN B 235 -13.67 -18.46 -19.81
C GLN B 235 -13.31 -17.88 -18.45
N ALA B 236 -12.17 -18.33 -17.91
CA ALA B 236 -11.61 -17.78 -16.69
C ALA B 236 -10.45 -16.85 -17.05
N LEU B 237 -10.07 -15.99 -16.12
CA LEU B 237 -8.98 -15.05 -16.38
C LEU B 237 -7.69 -15.58 -15.79
N LEU B 238 -6.64 -15.55 -16.60
CA LEU B 238 -5.31 -15.94 -16.17
C LEU B 238 -4.57 -14.74 -15.59
N VAL B 239 -4.27 -14.81 -14.30
CA VAL B 239 -3.64 -13.71 -13.59
C VAL B 239 -2.21 -14.10 -13.26
N PHE B 240 -1.25 -13.33 -13.77
CA PHE B 240 0.16 -13.53 -13.44
C PHE B 240 0.58 -12.56 -12.36
N ASP B 241 1.04 -13.11 -11.23
CA ASP B 241 1.67 -12.31 -10.20
C ASP B 241 3.15 -12.20 -10.54
N GLU B 242 3.55 -11.06 -11.09
CA GLU B 242 4.94 -10.83 -11.44
C GLU B 242 5.58 -9.75 -10.58
N VAL B 243 5.06 -9.59 -9.36
CA VAL B 243 5.60 -8.60 -8.43
C VAL B 243 7.08 -8.86 -8.14
N GLN B 244 7.46 -10.12 -8.09
CA GLN B 244 8.86 -10.48 -7.82
C GLN B 244 9.66 -10.78 -9.08
N CYS B 245 9.08 -11.52 -10.02
CA CYS B 245 9.80 -11.96 -11.20
C CYS B 245 9.75 -10.97 -12.37
N GLY B 246 8.95 -9.92 -12.23
CA GLY B 246 8.80 -8.92 -13.27
C GLY B 246 9.83 -7.80 -13.26
N MET B 247 9.63 -6.83 -14.15
CA MET B 247 10.51 -5.65 -14.27
C MET B 247 11.99 -5.99 -14.43
N GLY B 248 12.27 -6.86 -15.41
CA GLY B 248 13.63 -7.19 -15.78
C GLY B 248 14.29 -8.31 -15.02
N ARG B 249 13.70 -8.71 -13.89
CA ARG B 249 14.28 -9.73 -13.01
C ARG B 249 14.77 -11.00 -13.73
N THR B 250 13.98 -11.47 -14.69
CA THR B 250 14.31 -12.71 -15.41
C THR B 250 15.31 -12.50 -16.56
N GLY B 251 15.54 -11.25 -16.94
CA GLY B 251 16.31 -10.97 -18.16
C GLY B 251 15.41 -10.54 -19.31
N ASP B 252 14.12 -10.82 -19.17
CA ASP B 252 13.09 -10.22 -20.03
C ASP B 252 12.37 -9.20 -19.17
N LEU B 253 11.67 -8.25 -19.78
CA LEU B 253 10.96 -7.24 -18.99
C LEU B 253 9.99 -7.92 -18.03
N PHE B 254 9.19 -8.84 -18.56
CA PHE B 254 8.36 -9.72 -17.72
C PHE B 254 8.56 -11.18 -18.06
N ALA B 255 8.36 -12.04 -17.05
CA ALA B 255 8.54 -13.48 -17.20
C ALA B 255 7.63 -14.09 -18.25
N TYR B 256 6.44 -13.52 -18.44
CA TYR B 256 5.51 -14.01 -19.47
C TYR B 256 6.12 -13.98 -20.88
N MET B 257 7.01 -13.02 -21.11
CA MET B 257 7.71 -12.89 -22.39
C MET B 257 8.71 -14.01 -22.64
N HIS B 258 9.29 -14.54 -21.57
CA HIS B 258 10.18 -15.69 -21.67
C HIS B 258 9.40 -16.90 -22.11
N TYR B 259 8.25 -17.11 -21.48
CA TYR B 259 7.41 -18.28 -21.73
C TYR B 259 6.57 -18.17 -22.99
N GLY B 260 6.33 -16.93 -23.44
CA GLY B 260 5.46 -16.71 -24.61
C GLY B 260 4.00 -17.05 -24.32
N VAL B 261 3.60 -16.94 -23.06
CA VAL B 261 2.21 -17.16 -22.64
C VAL B 261 1.69 -15.82 -22.13
N THR B 262 0.65 -15.31 -22.78
CA THR B 262 0.09 -14.02 -22.42
C THR B 262 -1.03 -14.17 -21.38
N PRO B 263 -0.87 -13.55 -20.20
CA PRO B 263 -1.93 -13.56 -19.19
C PRO B 263 -3.03 -12.56 -19.53
N ASP B 264 -4.15 -12.65 -18.82
CA ASP B 264 -5.23 -11.68 -18.96
C ASP B 264 -4.97 -10.46 -18.07
N ILE B 265 -4.40 -10.72 -16.90
CA ILE B 265 -4.06 -9.68 -15.95
C ILE B 265 -2.65 -9.94 -15.45
N LEU B 266 -1.88 -8.87 -15.30
CA LEU B 266 -0.55 -8.97 -14.70
C LEU B 266 -0.37 -7.91 -13.61
N THR B 267 0.30 -8.31 -12.54
CA THR B 267 0.65 -7.38 -11.46
C THR B 267 2.15 -7.21 -11.36
N SER B 268 2.54 -5.98 -11.06
CA SER B 268 3.94 -5.59 -10.95
C SER B 268 4.12 -4.65 -9.76
N ALA B 269 5.26 -4.77 -9.10
CA ALA B 269 5.67 -3.84 -8.04
C ALA B 269 7.14 -4.06 -7.75
N1 LLP B 270 3.54 -11.06 -4.65
C2 LLP B 270 4.80 -11.52 -4.79
C2' LLP B 270 5.09 -12.69 -5.69
C3 LLP B 270 5.89 -10.84 -4.05
O3 LLP B 270 7.17 -11.27 -4.17
C4 LLP B 270 5.56 -9.68 -3.18
C4' LLP B 270 6.63 -8.97 -2.43
C5 LLP B 270 4.13 -9.29 -3.13
C6 LLP B 270 3.20 -10.02 -3.87
C5' LLP B 270 3.65 -8.13 -2.26
OP4 LLP B 270 4.24 -6.90 -2.65
P LLP B 270 4.24 -5.63 -1.66
OP1 LLP B 270 4.54 -4.48 -2.61
OP2 LLP B 270 2.86 -5.60 -1.04
OP3 LLP B 270 5.36 -5.94 -0.68
N LLP B 270 7.54 -3.82 -6.49
CA LLP B 270 8.92 -4.01 -6.03
CB LLP B 270 9.21 -5.51 -5.84
CG LLP B 270 8.50 -6.05 -4.59
CD LLP B 270 9.00 -7.44 -4.23
CE LLP B 270 8.67 -7.79 -2.78
NZ LLP B 270 7.80 -8.95 -2.90
C LLP B 270 9.88 -3.28 -6.95
O LLP B 270 10.03 -2.07 -6.84
N ALA B 271 10.50 -4.01 -7.88
CA ALA B 271 11.47 -3.40 -8.81
C ALA B 271 10.92 -2.23 -9.61
N LEU B 272 9.62 -2.25 -9.92
CA LEU B 272 8.97 -1.16 -10.65
C LEU B 272 9.36 0.22 -10.13
N GLY B 273 9.46 0.34 -8.80
CA GLY B 273 9.77 1.61 -8.15
C GLY B 273 11.20 1.76 -7.66
N GLY B 274 11.99 0.70 -7.77
CA GLY B 274 13.40 0.71 -7.38
C GLY B 274 13.67 0.98 -5.90
N GLY B 275 12.64 0.90 -5.07
CA GLY B 275 12.75 1.26 -3.66
C GLY B 275 11.64 2.20 -3.20
N PHE B 276 11.02 2.88 -4.16
CA PHE B 276 9.85 3.71 -3.89
C PHE B 276 8.61 2.81 -3.99
N PRO B 277 7.71 2.88 -2.99
CA PRO B 277 6.51 2.04 -3.07
C PRO B 277 5.57 2.50 -4.20
N VAL B 278 5.40 1.63 -5.18
CA VAL B 278 4.51 1.83 -6.30
C VAL B 278 4.17 0.45 -6.87
N SER B 279 3.01 0.32 -7.50
CA SER B 279 2.64 -0.94 -8.13
C SER B 279 1.73 -0.68 -9.30
N ALA B 280 1.57 -1.68 -10.15
CA ALA B 280 0.72 -1.58 -11.35
C ALA B 280 -0.03 -2.88 -11.60
N MET B 281 -1.28 -2.73 -12.02
CA MET B 281 -2.10 -3.84 -12.50
C MET B 281 -2.33 -3.61 -13.99
N LEU B 282 -1.89 -4.57 -14.80
CA LEU B 282 -1.96 -4.50 -16.25
C LEU B 282 -3.04 -5.43 -16.79
N THR B 283 -3.88 -4.92 -17.68
CA THR B 283 -4.92 -5.73 -18.31
C THR B 283 -5.36 -5.11 -19.64
N THR B 284 -6.38 -5.72 -20.26
CA THR B 284 -6.88 -5.26 -21.55
C THR B 284 -8.02 -4.28 -21.33
N GLN B 285 -8.42 -3.60 -22.39
CA GLN B 285 -9.59 -2.73 -22.37
C GLN B 285 -10.85 -3.53 -22.02
N GLU B 286 -11.01 -4.68 -22.70
CA GLU B 286 -12.19 -5.53 -22.54
C GLU B 286 -12.40 -5.91 -21.08
N ILE B 287 -11.33 -6.34 -20.41
CA ILE B 287 -11.41 -6.74 -19.01
C ILE B 287 -11.62 -5.50 -18.13
N ALA B 288 -10.80 -4.48 -18.32
CA ALA B 288 -10.87 -3.24 -17.52
C ALA B 288 -12.23 -2.54 -17.56
N SER B 289 -12.96 -2.73 -18.67
CA SER B 289 -14.28 -2.13 -18.83
C SER B 289 -15.30 -2.65 -17.81
N ALA B 290 -14.98 -3.78 -17.16
CA ALA B 290 -15.84 -4.33 -16.11
C ALA B 290 -15.97 -3.41 -14.88
N PHE B 291 -14.96 -2.58 -14.63
CA PHE B 291 -14.97 -1.66 -13.48
C PHE B 291 -15.92 -0.48 -13.66
N GLY B 297 -6.71 8.59 -19.52
CA GLY B 297 -6.30 8.10 -20.82
C GLY B 297 -5.63 6.75 -20.71
N SER B 298 -6.44 5.69 -20.60
CA SER B 298 -5.97 4.31 -20.45
C SER B 298 -5.24 4.02 -19.12
N THR B 299 -5.27 4.99 -18.21
CA THR B 299 -4.57 4.92 -16.94
C THR B 299 -5.47 5.35 -15.78
N TYR B 300 -5.30 4.72 -14.62
CA TYR B 300 -6.04 5.11 -13.41
C TYR B 300 -5.13 5.17 -12.18
N GLY B 301 -5.31 6.22 -11.38
CA GLY B 301 -4.50 6.45 -10.18
C GLY B 301 -3.03 6.71 -10.48
N GLY B 302 -2.20 6.58 -9.45
CA GLY B 302 -0.77 6.78 -9.59
C GLY B 302 -0.28 8.04 -8.90
N ASN B 303 0.56 7.85 -7.89
CA ASN B 303 1.23 8.92 -7.21
C ASN B 303 2.25 9.58 -8.17
N PRO B 304 2.13 10.91 -8.39
CA PRO B 304 3.04 11.65 -9.29
C PRO B 304 4.51 11.36 -9.00
N LEU B 305 4.87 11.38 -7.72
CA LEU B 305 6.24 11.16 -7.31
C LEU B 305 6.68 9.71 -7.56
N ALA B 306 5.82 8.77 -7.17
CA ALA B 306 6.08 7.35 -7.40
C ALA B 306 6.25 7.03 -8.88
N CYS B 307 5.37 7.59 -9.71
CA CYS B 307 5.38 7.29 -11.14
C CYS B 307 6.57 7.95 -11.86
N ALA B 308 6.99 9.11 -11.40
CA ALA B 308 8.20 9.74 -11.93
C ALA B 308 9.42 8.85 -11.72
N VAL B 309 9.55 8.32 -10.51
CA VAL B 309 10.66 7.44 -10.15
C VAL B 309 10.59 6.10 -10.92
N ALA B 310 9.39 5.54 -10.98
CA ALA B 310 9.15 4.30 -11.71
C ALA B 310 9.39 4.47 -13.22
N GLY B 311 9.10 5.65 -13.74
CA GLY B 311 9.39 5.97 -15.14
C GLY B 311 10.89 5.96 -15.43
N ALA B 312 11.66 6.53 -14.52
CA ALA B 312 13.12 6.53 -14.63
C ALA B 312 13.68 5.11 -14.51
N THR B 313 13.06 4.31 -13.64
CA THR B 313 13.44 2.91 -13.44
C THR B 313 13.16 2.11 -14.71
N PHE B 314 11.95 2.28 -15.25
CA PHE B 314 11.54 1.62 -16.48
C PHE B 314 12.47 1.97 -17.65
N ASP B 315 12.78 3.25 -17.82
CA ASP B 315 13.67 3.72 -18.89
C ASP B 315 15.04 3.05 -18.88
N ILE B 316 15.56 2.76 -17.69
CA ILE B 316 16.86 2.10 -17.54
C ILE B 316 16.75 0.58 -17.74
N ILE B 317 15.77 -0.04 -17.08
CA ILE B 317 15.62 -1.49 -17.12
C ILE B 317 15.23 -1.99 -18.52
N ASN B 318 14.29 -1.30 -19.17
CA ASN B 318 13.80 -1.73 -20.48
C ASN B 318 14.72 -1.30 -21.63
N THR B 319 15.98 -1.73 -21.55
CA THR B 319 16.97 -1.47 -22.58
C THR B 319 17.72 -2.76 -22.87
N PRO B 320 18.20 -2.92 -24.13
CA PRO B 320 19.04 -4.08 -24.47
C PRO B 320 20.23 -4.22 -23.52
N GLU B 321 20.85 -3.08 -23.16
CA GLU B 321 22.04 -3.07 -22.32
C GLU B 321 21.82 -3.77 -20.98
N VAL B 322 20.75 -3.37 -20.28
CA VAL B 322 20.49 -3.92 -18.95
C VAL B 322 19.95 -5.35 -19.05
N LEU B 323 18.97 -5.56 -19.94
CA LEU B 323 18.32 -6.87 -20.04
C LEU B 323 19.31 -7.95 -20.46
N GLN B 324 20.17 -7.63 -21.43
CA GLN B 324 21.18 -8.59 -21.88
C GLN B 324 22.31 -8.76 -20.87
N GLY B 325 22.61 -7.69 -20.12
CA GLY B 325 23.61 -7.77 -19.06
C GLY B 325 23.19 -8.67 -17.90
N ILE B 326 21.88 -8.85 -17.73
CA ILE B 326 21.35 -9.70 -16.66
C ILE B 326 21.73 -11.17 -16.82
N HIS B 327 21.74 -11.65 -18.06
CA HIS B 327 22.16 -13.02 -18.36
C HIS B 327 23.62 -13.25 -18.07
N THR B 328 24.47 -12.27 -18.42
CA THR B 328 25.90 -12.33 -18.14
C THR B 328 26.14 -12.40 -16.63
N LYS B 329 25.47 -11.50 -15.91
CA LYS B 329 25.60 -11.42 -14.46
C LYS B 329 25.14 -12.70 -13.77
N ARG B 330 24.04 -13.30 -14.24
CA ARG B 330 23.57 -14.56 -13.67
C ARG B 330 24.66 -15.62 -13.78
N GLN B 331 25.24 -15.73 -14.97
CA GLN B 331 26.30 -16.69 -15.23
C GLN B 331 27.47 -16.49 -14.26
N GLN B 332 27.77 -15.23 -13.96
CA GLN B 332 28.86 -14.89 -13.05
C GLN B 332 28.57 -15.34 -11.60
N PHE B 333 27.33 -15.11 -11.15
CA PHE B 333 26.89 -15.59 -9.83
C PHE B 333 26.92 -17.11 -9.74
N VAL B 334 26.37 -17.77 -10.76
CA VAL B 334 26.26 -19.23 -10.82
C VAL B 334 27.64 -19.89 -10.78
N GLN B 335 28.61 -19.31 -11.49
CA GLN B 335 29.99 -19.79 -11.47
C GLN B 335 30.55 -19.82 -10.06
N HIS B 336 30.35 -18.73 -9.31
CA HIS B 336 30.77 -18.65 -7.91
C HIS B 336 30.07 -19.65 -7.03
N LEU B 337 28.76 -19.82 -7.24
CA LEU B 337 27.98 -20.77 -6.45
C LEU B 337 28.44 -22.20 -6.69
N GLN B 338 28.80 -22.51 -7.94
CA GLN B 338 29.33 -23.83 -8.28
C GLN B 338 30.73 -24.06 -7.71
N ALA B 339 31.54 -22.99 -7.67
CA ALA B 339 32.87 -23.04 -7.08
C ALA B 339 32.81 -23.27 -5.57
N ILE B 340 31.88 -22.60 -4.90
CA ILE B 340 31.63 -22.80 -3.48
C ILE B 340 31.17 -24.24 -3.23
N ASP B 341 30.30 -24.73 -4.10
CA ASP B 341 29.78 -26.09 -3.99
C ASP B 341 30.86 -27.13 -4.25
N GLU B 342 31.80 -26.80 -5.13
CA GLU B 342 32.95 -27.68 -5.39
C GLU B 342 33.84 -27.77 -4.16
N GLN B 343 34.00 -26.64 -3.46
CA GLN B 343 34.83 -26.60 -2.26
C GLN B 343 34.14 -27.22 -1.05
N PHE B 344 32.87 -26.91 -0.86
CA PHE B 344 32.15 -27.26 0.38
C PHE B 344 31.03 -28.28 0.24
N ASP B 345 30.52 -28.47 -0.97
CA ASP B 345 29.48 -29.47 -1.25
C ASP B 345 28.21 -29.23 -0.40
N ILE B 346 27.47 -28.18 -0.74
CA ILE B 346 26.31 -27.78 0.06
C ILE B 346 25.00 -27.75 -0.73
N PHE B 347 25.11 -27.66 -2.05
CA PHE B 347 23.93 -27.49 -2.91
C PHE B 347 23.56 -28.74 -3.70
N SER B 348 22.25 -28.93 -3.89
CA SER B 348 21.72 -29.99 -4.73
C SER B 348 21.12 -29.45 -6.02
N ASP B 349 20.87 -28.15 -6.07
CA ASP B 349 20.27 -27.52 -7.24
C ASP B 349 20.48 -26.01 -7.25
N ILE B 350 20.89 -25.49 -8.41
CA ILE B 350 20.89 -24.06 -8.68
C ILE B 350 19.82 -23.79 -9.76
N ARG B 351 18.90 -22.88 -9.46
CA ARG B 351 17.75 -22.65 -10.33
C ARG B 351 17.29 -21.18 -10.30
N GLY B 352 16.11 -20.93 -10.88
CA GLY B 352 15.60 -19.57 -11.07
C GLY B 352 15.84 -19.08 -12.48
N MET B 353 15.63 -17.79 -12.70
CA MET B 353 15.85 -17.15 -14.00
C MET B 353 16.44 -15.77 -13.81
N GLY B 354 17.37 -15.40 -14.69
CA GLY B 354 18.03 -14.09 -14.62
C GLY B 354 18.67 -13.87 -13.27
N LEU B 355 18.42 -12.71 -12.67
CA LEU B 355 18.99 -12.42 -11.35
C LEU B 355 18.03 -12.67 -10.20
N LEU B 356 17.15 -13.66 -10.40
CA LEU B 356 16.46 -14.33 -9.30
C LEU B 356 17.07 -15.72 -9.25
N ILE B 357 17.95 -15.93 -8.27
CA ILE B 357 18.69 -17.18 -8.18
C ILE B 357 18.36 -17.92 -6.91
N GLY B 358 18.03 -19.21 -7.06
CA GLY B 358 17.82 -20.10 -5.94
C GLY B 358 18.90 -21.15 -5.87
N ALA B 359 19.34 -21.46 -4.66
CA ALA B 359 20.30 -22.53 -4.42
C ALA B 359 19.77 -23.45 -3.32
N GLU B 360 19.25 -24.60 -3.73
CA GLU B 360 18.71 -25.57 -2.79
C GLU B 360 19.81 -26.30 -2.04
N LEU B 361 19.69 -26.35 -0.72
CA LEU B 361 20.67 -27.03 0.13
C LEU B 361 20.48 -28.55 0.06
N LYS B 362 21.59 -29.28 0.06
CA LYS B 362 21.56 -30.74 0.14
C LYS B 362 20.84 -31.20 1.41
N PRO B 363 20.31 -32.44 1.42
CA PRO B 363 19.56 -32.94 2.57
C PRO B 363 20.30 -32.89 3.91
N LYS B 364 21.63 -33.02 3.88
CA LYS B 364 22.44 -32.90 5.10
C LYS B 364 22.43 -31.49 5.68
N TYR B 365 21.92 -30.52 4.92
CA TYR B 365 21.80 -29.14 5.38
C TYR B 365 20.37 -28.61 5.29
N LYS B 366 19.39 -29.52 5.25
CA LYS B 366 17.98 -29.14 5.30
C LYS B 366 17.69 -28.29 6.52
N GLY B 367 16.91 -27.22 6.32
CA GLY B 367 16.52 -26.33 7.41
C GLY B 367 17.61 -25.38 7.89
N ARG B 368 18.73 -25.32 7.18
CA ARG B 368 19.86 -24.48 7.63
C ARG B 368 19.97 -23.13 6.89
N ALA B 369 19.01 -22.83 6.03
CA ALA B 369 19.08 -21.62 5.20
C ALA B 369 19.24 -20.33 6.01
N ARG B 370 18.53 -20.23 7.15
CA ARG B 370 18.62 -19.06 8.02
CA ARG B 370 18.62 -19.06 8.03
C ARG B 370 20.02 -18.91 8.61
N ASP B 371 20.67 -20.04 8.87
CA ASP B 371 22.01 -20.04 9.44
C ASP B 371 23.04 -19.55 8.43
N PHE B 372 22.89 -19.98 7.18
CA PHE B 372 23.75 -19.49 6.09
C PHE B 372 23.53 -17.99 5.87
N LEU B 373 22.27 -17.56 5.98
CA LEU B 373 21.93 -16.15 5.83
C LEU B 373 22.64 -15.28 6.89
N TYR B 374 22.54 -15.69 8.16
CA TYR B 374 23.13 -14.92 9.26
C TYR B 374 24.66 -14.94 9.23
N ALA B 375 25.23 -16.08 8.88
CA ALA B 375 26.67 -16.21 8.67
C ALA B 375 27.10 -15.28 7.55
N GLY B 376 26.31 -15.24 6.47
CA GLY B 376 26.53 -14.30 5.37
C GLY B 376 26.63 -12.88 5.88
N ALA B 377 25.64 -12.48 6.69
CA ALA B 377 25.61 -11.14 7.28
C ALA B 377 26.87 -10.81 8.06
N GLU B 378 27.27 -11.74 8.93
CA GLU B 378 28.48 -11.57 9.74
C GLU B 378 29.72 -11.41 8.88
N ALA B 379 29.74 -12.08 7.71
CA ALA B 379 30.83 -11.94 6.75
C ALA B 379 30.69 -10.71 5.84
N GLY B 380 29.62 -9.95 6.02
CA GLY B 380 29.40 -8.72 5.24
C GLY B 380 28.74 -8.91 3.88
N VAL B 381 27.85 -9.89 3.77
CA VAL B 381 27.06 -10.10 2.54
C VAL B 381 25.60 -10.39 2.89
N MET B 382 24.70 -9.69 2.22
CA MET B 382 23.26 -9.79 2.48
C MET B 382 22.60 -10.69 1.45
N VAL B 383 22.01 -11.77 1.92
CA VAL B 383 21.35 -12.75 1.06
C VAL B 383 19.94 -13.02 1.54
N LEU B 384 19.25 -13.93 0.85
CA LEU B 384 17.87 -14.26 1.18
C LEU B 384 17.69 -15.76 1.37
N ASN B 385 16.52 -16.13 1.91
CA ASN B 385 16.08 -17.51 1.91
C ASN B 385 14.85 -17.61 1.04
N ALA B 386 14.48 -18.82 0.67
CA ALA B 386 13.21 -19.08 0.00
C ALA B 386 12.64 -20.35 0.62
N GLY B 387 12.26 -20.23 1.90
CA GLY B 387 12.01 -21.40 2.74
C GLY B 387 13.31 -21.80 3.43
N ALA B 388 13.20 -22.72 4.37
CA ALA B 388 14.34 -23.10 5.21
C ALA B 388 15.40 -23.96 4.51
N ASP B 389 15.10 -24.44 3.31
CA ASP B 389 16.02 -25.32 2.56
C ASP B 389 16.71 -24.64 1.37
N VAL B 390 16.38 -23.38 1.11
CA VAL B 390 16.82 -22.72 -0.12
C VAL B 390 17.42 -21.34 0.13
N MET B 391 18.60 -21.12 -0.45
CA MET B 391 19.21 -19.79 -0.50
C MET B 391 18.68 -19.05 -1.72
N ARG B 392 18.40 -17.75 -1.55
CA ARG B 392 17.91 -16.91 -2.65
C ARG B 392 18.78 -15.67 -2.82
N PHE B 393 19.00 -15.28 -4.08
CA PHE B 393 19.76 -14.08 -4.41
C PHE B 393 18.93 -13.25 -5.38
N ALA B 394 18.81 -11.95 -5.12
CA ALA B 394 18.11 -11.04 -6.00
C ALA B 394 18.81 -9.68 -5.99
N PRO B 395 20.06 -9.65 -6.51
CA PRO B 395 20.84 -8.42 -6.45
C PRO B 395 20.34 -7.39 -7.45
N SER B 396 20.87 -6.17 -7.35
CA SER B 396 20.66 -5.14 -8.37
C SER B 396 20.87 -5.73 -9.77
N LEU B 397 20.02 -5.33 -10.71
CA LEU B 397 20.15 -5.78 -12.08
C LEU B 397 21.39 -5.17 -12.75
N VAL B 398 21.92 -4.10 -12.16
CA VAL B 398 23.13 -3.46 -12.66
C VAL B 398 24.34 -3.67 -11.74
N VAL B 399 24.29 -4.72 -10.91
CA VAL B 399 25.36 -5.01 -9.95
C VAL B 399 26.73 -5.14 -10.66
N GLU B 400 27.71 -4.38 -10.17
CA GLU B 400 29.06 -4.38 -10.73
C GLU B 400 29.76 -5.72 -10.51
N GLU B 401 30.56 -6.12 -11.50
CA GLU B 401 31.30 -7.38 -11.45
C GLU B 401 32.16 -7.51 -10.20
N ALA B 402 32.78 -6.39 -9.79
CA ALA B 402 33.63 -6.35 -8.61
C ALA B 402 32.82 -6.65 -7.34
N ASP B 403 31.57 -6.19 -7.32
CA ASP B 403 30.67 -6.50 -6.21
C ASP B 403 30.21 -7.94 -6.22
N ILE B 404 29.98 -8.51 -7.41
CA ILE B 404 29.66 -9.93 -7.53
C ILE B 404 30.80 -10.76 -6.95
N HIS B 405 32.03 -10.41 -7.33
CA HIS B 405 33.22 -11.13 -6.89
C HIS B 405 33.42 -11.02 -5.41
N GLU B 406 33.36 -9.79 -4.89
CA GLU B 406 33.60 -9.54 -3.47
C GLU B 406 32.52 -10.16 -2.57
N GLY B 407 31.25 -9.99 -2.95
CA GLY B 407 30.15 -10.55 -2.20
C GLY B 407 30.18 -12.07 -2.13
N MET B 408 30.53 -12.70 -3.25
CA MET B 408 30.59 -14.16 -3.32
C MET B 408 31.78 -14.73 -2.55
N GLN B 409 32.89 -13.99 -2.51
CA GLN B 409 34.03 -14.35 -1.66
C GLN B 409 33.65 -14.28 -0.18
N ARG B 410 32.83 -13.29 0.16
CA ARG B 410 32.30 -13.15 1.52
C ARG B 410 31.31 -14.26 1.83
N PHE B 411 30.50 -14.64 0.84
CA PHE B 411 29.56 -15.75 1.03
C PHE B 411 30.29 -17.09 1.16
N ALA B 412 31.36 -17.28 0.39
CA ALA B 412 32.20 -18.47 0.48
C ALA B 412 32.76 -18.63 1.89
N GLN B 413 33.24 -17.52 2.44
CA GLN B 413 33.79 -17.46 3.80
C GLN B 413 32.74 -17.77 4.85
N ALA B 414 31.51 -17.29 4.62
CA ALA B 414 30.38 -17.57 5.51
C ALA B 414 30.02 -19.06 5.49
N VAL B 415 30.02 -19.64 4.29
CA VAL B 415 29.75 -21.07 4.10
C VAL B 415 30.74 -21.93 4.89
N GLY B 416 32.03 -21.60 4.79
CA GLY B 416 33.09 -22.27 5.53
C GLY B 416 32.85 -22.30 7.03
N LYS B 417 32.42 -21.18 7.58
CA LYS B 417 32.11 -21.08 9.01
C LYS B 417 30.91 -21.92 9.43
N VAL B 418 30.00 -22.17 8.50
CA VAL B 418 28.81 -22.98 8.79
C VAL B 418 29.07 -24.50 8.69
N VAL B 419 29.95 -24.90 7.78
CA VAL B 419 30.12 -26.32 7.46
C VAL B 419 31.43 -26.94 7.92
N ALA B 420 32.45 -26.11 8.13
CA ALA B 420 33.80 -26.59 8.45
C ALA B 420 34.33 -25.99 9.75
C1 EDO C . 4.50 17.79 0.33
O1 EDO C . 4.40 19.18 0.69
C2 EDO C . 3.46 17.46 -0.73
O2 EDO C . 3.90 17.94 -2.00
C1 EDO D . -4.04 17.65 -6.39
O1 EDO D . -4.20 18.07 -5.02
C2 EDO D . -5.29 16.92 -6.86
O2 EDO D . -5.60 15.80 -6.01
C ACT E . 16.93 -7.97 3.21
O ACT E . 18.11 -8.08 2.86
OXT ACT E . 16.31 -6.89 3.11
CH3 ACT E . 16.23 -9.17 3.80
NA NA F . 2.51 6.31 24.34
C1 EDO G . 16.71 3.17 -4.26
O1 EDO G . 17.45 3.79 -3.20
C2 EDO G . 16.84 3.99 -5.54
O2 EDO G . 18.08 3.72 -6.20
NA NA H . 0.13 -3.08 -25.26
C ACT I . -9.06 16.30 -5.25
O ACT I . -8.05 15.58 -5.12
OXT ACT I . -8.97 17.53 -5.24
CH3 ACT I . -10.40 15.65 -5.44
C1 EDO J . 17.86 -3.80 3.55
O1 EDO J . 16.58 -4.27 3.08
C2 EDO J . 18.48 -2.88 2.50
O2 EDO J . 18.49 -3.55 1.24
#